data_1KSX
#
_entry.id   1KSX
#
_cell.length_a   84.246
_cell.length_b   103.650
_cell.length_c   124.996
_cell.angle_alpha   90.00
_cell.angle_beta   99.53
_cell.angle_gamma   90.00
#
_symmetry.space_group_name_H-M   'P 1 21 1'
#
loop_
_entity.id
_entity.type
_entity.pdbx_description
1 polymer 'E1 Recognition Sequence'
2 polymer 'REPLICATION PROTEIN E1'
3 water water
#
loop_
_entity_poly.entity_id
_entity_poly.type
_entity_poly.pdbx_seq_one_letter_code
_entity_poly.pdbx_strand_id
1 'polydeoxyribonucleotide'
;(DA)(DT)(DA)(DA)(DT)(DT)(DG)(DT)(DT)(DG)(DT)(DT)(DA)(DA)(DC)(DA)(DA)(DC)(DA)(DA)
(DT)
;
C,G,K,O
2 'polypeptide(L)'
;GSRATVFKLGLFKSLFLCSFHDITRLFKNDKTTNQQWVLAVFGLAEVFFEASFELLKKQCSFLQMQKRSHEGGTCAVYLI
CFNTAKSRETVRNLMANMLNVREECLMLQPPKIRGLSAALFWFKSSLSPATLKHGALPEWIRAQTTLN
;
A,B,E,F,I,J,M,N
#
# COMPACT_ATOMS: atom_id res chain seq x y z
N ALA E 4 32.93 17.77 -9.15
CA ALA E 4 32.34 18.76 -10.10
C ALA E 4 31.86 19.98 -9.33
N THR E 5 31.62 19.80 -8.04
CA THR E 5 31.16 20.88 -7.19
C THR E 5 32.12 22.04 -7.34
N VAL E 6 33.41 21.72 -7.37
CA VAL E 6 34.45 22.73 -7.53
C VAL E 6 33.98 23.80 -8.50
N PHE E 7 33.43 23.38 -9.64
CA PHE E 7 32.95 24.33 -10.64
C PHE E 7 31.68 25.02 -10.23
N LYS E 8 30.65 24.23 -9.91
CA LYS E 8 29.39 24.82 -9.47
C LYS E 8 29.75 25.98 -8.55
N LEU E 9 30.50 25.66 -7.50
CA LEU E 9 30.93 26.65 -6.53
C LEU E 9 31.63 27.85 -7.15
N GLY E 10 32.72 27.56 -7.87
CA GLY E 10 33.49 28.62 -8.51
C GLY E 10 32.63 29.54 -9.36
N LEU E 11 31.70 28.96 -10.09
CA LEU E 11 30.80 29.73 -10.95
C LEU E 11 29.85 30.59 -10.11
N PHE E 12 29.44 30.06 -8.97
CA PHE E 12 28.54 30.80 -8.10
C PHE E 12 29.24 32.06 -7.66
N LYS E 13 30.48 31.90 -7.21
CA LYS E 13 31.28 33.02 -6.75
C LYS E 13 31.41 34.10 -7.82
N SER E 14 32.12 33.78 -8.91
CA SER E 14 32.31 34.73 -10.00
C SER E 14 31.00 35.39 -10.41
N LEU E 15 29.90 34.69 -10.18
CA LEU E 15 28.61 35.22 -10.55
C LEU E 15 27.89 36.00 -9.45
N PHE E 16 28.11 35.61 -8.20
CA PHE E 16 27.45 36.27 -7.09
C PHE E 16 28.36 37.01 -6.10
N LEU E 17 29.65 37.00 -6.40
CA LEU E 17 30.63 37.70 -5.57
C LEU E 17 30.72 37.21 -4.13
N CYS E 18 30.47 35.92 -3.92
CA CYS E 18 30.57 35.35 -2.59
C CYS E 18 30.46 33.84 -2.68
N SER E 19 30.96 33.14 -1.68
CA SER E 19 30.89 31.69 -1.68
C SER E 19 29.49 31.19 -1.39
N PHE E 20 29.15 30.06 -1.97
CA PHE E 20 27.84 29.47 -1.76
C PHE E 20 27.75 29.12 -0.28
N HIS E 21 28.88 28.73 0.30
CA HIS E 21 28.95 28.36 1.71
C HIS E 21 28.53 29.54 2.57
N ASP E 22 28.95 30.72 2.17
CA ASP E 22 28.66 31.94 2.90
C ASP E 22 27.19 32.15 3.20
N ILE E 23 26.30 31.54 2.42
CA ILE E 23 24.87 31.75 2.64
C ILE E 23 24.06 30.55 3.11
N THR E 24 24.72 29.42 3.26
CA THR E 24 24.03 28.21 3.66
C THR E 24 24.74 27.44 4.75
N ARG E 25 24.03 26.54 5.42
CA ARG E 25 24.63 25.71 6.46
C ARG E 25 24.63 24.28 5.97
N LEU E 26 25.62 23.49 6.36
CA LEU E 26 25.67 22.11 5.88
C LEU E 26 24.73 21.07 6.49
N PHE E 27 24.28 20.16 5.62
CA PHE E 27 23.41 19.01 5.94
C PHE E 27 24.13 17.86 5.27
N LYS E 28 24.85 17.05 6.04
CA LYS E 28 25.57 15.96 5.43
C LYS E 28 24.70 14.80 4.99
N ASN E 29 23.42 14.80 5.36
CA ASN E 29 22.54 13.70 4.97
C ASN E 29 21.44 14.14 4.00
N ASP E 30 21.36 13.44 2.87
CA ASP E 30 20.37 13.81 1.88
C ASP E 30 18.93 13.51 2.31
N LYS E 31 18.75 12.57 3.21
CA LYS E 31 17.39 12.21 3.66
C LYS E 31 16.82 13.13 4.74
N THR E 32 17.64 14.05 5.24
CA THR E 32 17.21 14.98 6.29
C THR E 32 16.22 16.01 5.78
N THR E 33 15.02 16.00 6.35
CA THR E 33 13.94 16.92 5.95
C THR E 33 14.06 18.34 6.48
N ASN E 34 13.72 19.31 5.64
CA ASN E 34 13.76 20.71 6.03
C ASN E 34 12.80 21.56 5.20
N GLN E 35 12.35 22.68 5.77
CA GLN E 35 11.40 23.56 5.10
C GLN E 35 12.11 24.58 4.23
N GLN E 36 13.13 25.20 4.79
CA GLN E 36 13.85 26.20 4.04
C GLN E 36 15.02 25.65 3.24
N TRP E 37 15.15 26.13 2.01
CA TRP E 37 16.22 25.68 1.15
C TRP E 37 16.83 26.78 0.28
N VAL E 38 18.12 26.62 0.01
CA VAL E 38 18.86 27.53 -0.84
C VAL E 38 19.17 26.69 -2.07
N LEU E 39 18.84 27.21 -3.24
CA LEU E 39 19.10 26.45 -4.46
C LEU E 39 19.86 27.25 -5.49
N ALA E 40 20.91 26.64 -6.02
CA ALA E 40 21.72 27.27 -7.05
C ALA E 40 21.55 26.35 -8.25
N VAL E 41 21.05 26.91 -9.35
CA VAL E 41 20.83 26.12 -10.54
C VAL E 41 21.66 26.62 -11.70
N PHE E 42 22.42 25.70 -12.30
CA PHE E 42 23.29 26.04 -13.40
C PHE E 42 22.76 25.58 -14.75
N GLY E 43 22.71 26.50 -15.71
CA GLY E 43 22.23 26.15 -17.04
C GLY E 43 20.73 26.26 -17.15
N LEU E 44 20.14 27.06 -16.28
CA LEU E 44 18.69 27.24 -16.25
C LEU E 44 18.17 27.96 -17.49
N ALA E 45 17.05 27.48 -18.02
CA ALA E 45 16.44 28.07 -19.21
C ALA E 45 15.47 29.15 -18.79
N GLU E 46 15.57 30.30 -19.44
CA GLU E 46 14.69 31.44 -19.12
C GLU E 46 13.26 31.01 -18.83
N VAL E 47 12.64 30.35 -19.80
CA VAL E 47 11.27 29.91 -19.67
C VAL E 47 11.00 29.11 -18.40
N PHE E 48 11.87 28.17 -18.09
CA PHE E 48 11.70 27.38 -16.89
C PHE E 48 11.83 28.27 -15.67
N PHE E 49 12.91 29.04 -15.60
CA PHE E 49 13.09 29.94 -14.48
C PHE E 49 11.79 30.71 -14.25
N GLU E 50 11.19 31.23 -15.32
CA GLU E 50 9.94 31.97 -15.20
C GLU E 50 8.87 31.08 -14.59
N ALA E 51 8.66 29.93 -15.22
CA ALA E 51 7.65 28.98 -14.77
C ALA E 51 7.85 28.64 -13.31
N SER E 52 9.02 28.10 -13.00
CA SER E 52 9.37 27.69 -11.65
C SER E 52 8.80 28.65 -10.63
N PHE E 53 8.88 29.94 -10.93
CA PHE E 53 8.39 30.93 -9.99
C PHE E 53 6.91 30.70 -9.70
N GLU E 54 6.10 30.83 -10.74
CA GLU E 54 4.66 30.63 -10.64
C GLU E 54 4.32 29.31 -9.98
N LEU E 55 5.08 28.28 -10.32
CA LEU E 55 4.83 26.96 -9.76
C LEU E 55 5.13 26.81 -8.28
N LEU E 56 6.29 27.27 -7.88
CA LEU E 56 6.70 27.19 -6.47
C LEU E 56 5.81 28.02 -5.57
N LYS E 57 5.28 29.12 -6.08
CA LYS E 57 4.41 29.97 -5.29
C LYS E 57 3.37 29.08 -4.61
N LYS E 58 2.72 28.25 -5.42
CA LYS E 58 1.68 27.35 -4.94
C LYS E 58 2.04 26.48 -3.73
N GLN E 59 3.30 26.46 -3.33
CA GLN E 59 3.69 25.63 -2.20
C GLN E 59 4.83 26.15 -1.34
N CYS E 60 5.02 27.47 -1.33
CA CYS E 60 6.08 28.06 -0.54
C CYS E 60 5.49 29.23 0.23
N SER E 61 5.82 29.31 1.52
CA SER E 61 5.31 30.41 2.34
C SER E 61 6.07 31.63 1.86
N PHE E 62 7.30 31.41 1.44
CA PHE E 62 8.17 32.46 0.94
C PHE E 62 9.06 31.90 -0.16
N LEU E 63 9.43 32.77 -1.10
CA LEU E 63 10.28 32.37 -2.19
C LEU E 63 10.93 33.59 -2.81
N GLN E 64 12.24 33.53 -2.98
CA GLN E 64 12.97 34.64 -3.60
C GLN E 64 13.87 34.07 -4.70
N MET E 65 13.56 34.40 -5.94
CA MET E 65 14.35 33.90 -7.05
C MET E 65 15.21 34.95 -7.68
N GLN E 66 16.42 34.55 -8.05
CA GLN E 66 17.37 35.47 -8.61
C GLN E 66 18.20 34.76 -9.67
N LYS E 67 18.32 35.36 -10.85
CA LYS E 67 19.10 34.75 -11.92
C LYS E 67 20.15 35.72 -12.46
N ARG E 68 21.38 35.25 -12.62
CA ARG E 68 22.47 36.07 -13.15
C ARG E 68 23.25 35.24 -14.17
N SER E 69 24.04 35.89 -15.02
CA SER E 69 24.81 35.16 -16.02
C SER E 69 25.81 35.97 -16.84
N HIS E 70 26.61 35.25 -17.61
CA HIS E 70 27.61 35.82 -18.50
C HIS E 70 28.15 34.72 -19.42
N GLU E 71 29.12 35.04 -20.26
CA GLU E 71 29.68 34.06 -21.20
C GLU E 71 30.17 32.76 -20.57
N GLY E 72 30.92 32.88 -19.48
CA GLY E 72 31.46 31.71 -18.80
C GLY E 72 30.44 30.76 -18.20
N GLY E 73 29.25 31.26 -17.92
CA GLY E 73 28.22 30.43 -17.32
C GLY E 73 27.02 31.22 -16.85
N THR E 74 25.98 30.50 -16.44
CA THR E 74 24.77 31.12 -15.95
C THR E 74 24.32 30.38 -14.70
N CYS E 75 23.83 31.12 -13.72
CA CYS E 75 23.40 30.52 -12.48
C CYS E 75 22.26 31.29 -11.85
N ALA E 76 21.42 30.58 -11.08
CA ALA E 76 20.29 31.21 -10.41
C ALA E 76 20.22 30.68 -9.00
N VAL E 77 19.88 31.55 -8.05
CA VAL E 77 19.77 31.11 -6.67
C VAL E 77 18.33 31.25 -6.20
N TYR E 78 17.89 30.26 -5.45
CA TYR E 78 16.54 30.24 -4.92
C TYR E 78 16.57 30.13 -3.41
N LEU E 79 15.80 30.96 -2.73
CA LEU E 79 15.68 30.84 -1.28
C LEU E 79 14.24 30.38 -1.14
N ILE E 80 14.07 29.06 -1.06
CA ILE E 80 12.75 28.47 -0.98
C ILE E 80 12.32 28.23 0.44
N CYS E 81 11.01 28.26 0.65
CA CYS E 81 10.42 28.01 1.96
C CYS E 81 9.15 27.21 1.77
N PHE E 82 9.33 25.90 1.56
CA PHE E 82 8.20 25.00 1.34
C PHE E 82 7.27 24.97 2.53
N ASN E 83 5.97 24.99 2.28
CA ASN E 83 5.02 24.94 3.37
C ASN E 83 5.24 23.63 4.11
N THR E 84 5.88 22.67 3.44
CA THR E 84 6.12 21.36 4.03
C THR E 84 7.58 20.88 3.98
N ALA E 85 8.05 20.37 5.11
CA ALA E 85 9.43 19.89 5.22
C ALA E 85 9.79 18.89 4.12
N LYS E 86 10.91 19.15 3.42
CA LYS E 86 11.38 18.27 2.34
C LYS E 86 12.86 17.91 2.45
N SER E 87 13.18 16.65 2.15
CA SER E 87 14.55 16.16 2.19
C SER E 87 15.27 16.73 0.97
N ARG E 88 16.59 16.69 0.97
CA ARG E 88 17.33 17.20 -0.19
C ARG E 88 16.90 16.40 -1.39
N GLU E 89 16.75 15.08 -1.21
CA GLU E 89 16.30 14.25 -2.31
C GLU E 89 15.02 14.89 -2.84
N THR E 90 13.92 14.69 -2.13
CA THR E 90 12.65 15.25 -2.58
C THR E 90 12.82 16.58 -3.29
N VAL E 91 13.46 17.54 -2.62
CA VAL E 91 13.65 18.86 -3.22
C VAL E 91 14.34 18.69 -4.54
N ARG E 92 15.45 17.97 -4.50
CA ARG E 92 16.24 17.70 -5.69
C ARG E 92 15.34 17.12 -6.80
N ASN E 93 14.78 15.94 -6.60
CA ASN E 93 13.90 15.33 -7.60
C ASN E 93 12.90 16.36 -8.16
N LEU E 94 12.12 16.97 -7.26
CA LEU E 94 11.13 17.95 -7.65
C LEU E 94 11.69 19.01 -8.56
N MET E 95 12.78 19.64 -8.13
CA MET E 95 13.37 20.70 -8.92
C MET E 95 14.12 20.27 -10.16
N ALA E 96 14.87 19.18 -10.06
CA ALA E 96 15.62 18.71 -11.21
C ALA E 96 14.65 18.61 -12.38
N ASN E 97 13.40 18.30 -12.06
CA ASN E 97 12.37 18.18 -13.08
C ASN E 97 11.69 19.50 -13.44
N MET E 98 11.09 20.16 -12.46
CA MET E 98 10.42 21.44 -12.70
C MET E 98 11.26 22.40 -13.50
N LEU E 99 12.58 22.32 -13.32
CA LEU E 99 13.50 23.21 -14.03
C LEU E 99 14.04 22.62 -15.33
N ASN E 100 14.07 21.30 -15.40
CA ASN E 100 14.53 20.62 -16.60
C ASN E 100 16.04 20.71 -16.76
N VAL E 101 16.75 20.22 -15.75
CA VAL E 101 18.21 20.19 -15.70
C VAL E 101 18.58 18.89 -15.02
N ARG E 102 19.69 18.26 -15.40
CA ARG E 102 20.06 17.02 -14.73
C ARG E 102 20.29 17.38 -13.26
N GLU E 103 20.15 16.40 -12.36
CA GLU E 103 20.34 16.68 -10.94
C GLU E 103 21.68 17.38 -10.74
N GLU E 104 22.70 16.89 -11.45
CA GLU E 104 24.05 17.42 -11.38
C GLU E 104 24.15 18.94 -11.53
N CYS E 105 23.12 19.58 -12.07
CA CYS E 105 23.15 21.04 -12.24
C CYS E 105 22.53 21.74 -11.05
N LEU E 106 22.38 21.00 -9.95
CA LEU E 106 21.79 21.56 -8.75
C LEU E 106 22.74 21.61 -7.57
N MET E 107 22.46 22.52 -6.64
CA MET E 107 23.22 22.68 -5.41
C MET E 107 22.17 23.00 -4.37
N LEU E 108 22.03 22.11 -3.41
CA LEU E 108 21.03 22.29 -2.36
C LEU E 108 21.55 22.16 -0.93
N GLN E 109 21.40 23.24 -0.18
CA GLN E 109 21.82 23.26 1.22
C GLN E 109 20.91 24.20 1.97
N PRO E 110 20.60 23.88 3.23
CA PRO E 110 19.73 24.75 4.00
C PRO E 110 20.43 26.08 4.26
N PRO E 111 19.68 27.19 4.25
CA PRO E 111 20.21 28.54 4.47
C PRO E 111 20.99 28.69 5.76
N LYS E 112 21.75 29.79 5.82
CA LYS E 112 22.54 30.12 7.00
C LYS E 112 21.65 31.13 7.71
N ILE E 113 21.04 30.74 8.83
CA ILE E 113 20.15 31.67 9.53
C ILE E 113 20.86 32.66 10.45
N ARG E 114 21.60 32.15 11.43
CA ARG E 114 22.34 33.01 12.36
C ARG E 114 23.57 33.52 11.60
N GLY E 115 23.50 34.74 11.09
CA GLY E 115 24.61 35.31 10.35
C GLY E 115 24.17 36.56 9.61
N LEU E 116 24.81 37.69 9.90
CA LEU E 116 24.41 38.94 9.26
C LEU E 116 24.88 39.05 7.82
N SER E 117 26.11 38.61 7.57
CA SER E 117 26.64 38.66 6.21
C SER E 117 25.62 37.94 5.33
N ALA E 118 25.10 36.83 5.85
CA ALA E 118 24.13 36.04 5.13
C ALA E 118 22.81 36.78 4.96
N ALA E 119 22.27 37.29 6.06
CA ALA E 119 21.00 38.00 6.02
C ALA E 119 21.01 39.10 4.99
N LEU E 120 22.11 39.82 4.94
CA LEU E 120 22.24 40.91 4.01
C LEU E 120 22.25 40.47 2.57
N PHE E 121 22.66 39.24 2.33
CA PHE E 121 22.68 38.71 0.97
C PHE E 121 21.24 38.71 0.44
N TRP E 122 20.36 38.11 1.23
CA TRP E 122 18.95 38.03 0.87
C TRP E 122 18.34 39.41 0.81
N PHE E 123 18.67 40.24 1.80
CA PHE E 123 18.15 41.59 1.84
C PHE E 123 18.62 42.36 0.61
N LYS E 124 19.92 42.31 0.34
CA LYS E 124 20.44 43.02 -0.82
C LYS E 124 19.68 42.58 -2.05
N SER E 125 19.56 41.28 -2.23
CA SER E 125 18.84 40.77 -3.37
C SER E 125 17.48 41.42 -3.47
N SER E 126 16.64 41.16 -2.47
CA SER E 126 15.29 41.72 -2.44
C SER E 126 15.22 43.19 -2.82
N LEU E 127 16.36 43.87 -2.84
CA LEU E 127 16.36 45.27 -3.21
C LEU E 127 16.32 45.48 -4.72
N SER E 128 16.93 44.55 -5.46
CA SER E 128 16.93 44.62 -6.92
C SER E 128 15.52 44.32 -7.46
N PRO E 129 15.16 44.96 -8.59
CA PRO E 129 13.83 44.72 -9.17
C PRO E 129 13.72 43.37 -9.86
N ALA E 130 14.72 43.05 -10.69
CA ALA E 130 14.76 41.81 -11.45
C ALA E 130 14.40 40.58 -10.62
N THR E 131 14.80 40.60 -9.35
CA THR E 131 14.52 39.53 -8.42
C THR E 131 13.02 39.28 -8.30
N LEU E 132 12.61 38.04 -8.54
CA LEU E 132 11.19 37.70 -8.42
C LEU E 132 11.01 37.43 -6.95
N LYS E 133 10.04 38.09 -6.34
CA LYS E 133 9.81 37.92 -4.92
C LYS E 133 8.37 37.52 -4.65
N HIS E 134 8.17 36.73 -3.60
CA HIS E 134 6.85 36.32 -3.18
C HIS E 134 6.86 35.87 -1.74
N GLY E 135 6.04 36.54 -0.93
CA GLY E 135 5.94 36.20 0.47
C GLY E 135 6.53 37.26 1.38
N ALA E 136 6.28 37.10 2.68
CA ALA E 136 6.78 38.04 3.68
C ALA E 136 8.20 37.67 4.06
N LEU E 137 9.16 38.53 3.72
CA LEU E 137 10.57 38.31 4.03
C LEU E 137 10.67 37.56 5.37
N PRO E 138 11.34 36.41 5.39
CA PRO E 138 11.49 35.60 6.60
C PRO E 138 11.89 36.35 7.86
N GLU E 139 11.53 35.80 9.01
CA GLU E 139 11.84 36.38 10.32
C GLU E 139 13.35 36.56 10.48
N TRP E 140 14.06 35.45 10.58
CA TRP E 140 15.51 35.47 10.76
C TRP E 140 16.29 36.46 9.90
N ILE E 141 15.76 36.88 8.76
CA ILE E 141 16.51 37.82 7.97
C ILE E 141 16.27 39.23 8.46
N ARG E 142 15.02 39.55 8.78
CA ARG E 142 14.65 40.89 9.26
C ARG E 142 15.29 41.12 10.62
N ALA E 143 14.94 40.25 11.57
CA ALA E 143 15.46 40.33 12.92
C ALA E 143 16.96 40.63 12.96
N GLN E 144 17.67 40.31 11.88
CA GLN E 144 19.11 40.53 11.83
C GLN E 144 19.52 41.75 11.01
N THR E 145 18.59 42.29 10.22
CA THR E 145 18.88 43.45 9.39
C THR E 145 18.02 44.67 9.71
N THR E 146 17.61 44.79 10.97
CA THR E 146 16.79 45.91 11.38
C THR E 146 17.42 46.69 12.53
N LEU E 147 17.22 48.01 12.52
CA LEU E 147 17.78 48.89 13.56
C LEU E 147 17.13 48.64 14.91
N ASN E 148 17.72 47.73 15.69
CA ASN E 148 17.21 47.40 17.01
C ASN E 148 17.41 48.58 17.96
N ALA F 4 16.87 -21.29 10.20
CA ALA F 4 18.10 -21.73 9.48
C ALA F 4 19.00 -20.54 9.14
N THR F 5 18.50 -19.33 9.39
CA THR F 5 19.26 -18.10 9.15
C THR F 5 20.64 -18.29 9.77
N VAL F 6 20.67 -18.96 10.92
CA VAL F 6 21.91 -19.23 11.62
C VAL F 6 22.81 -20.11 10.78
N PHE F 7 22.21 -21.11 10.13
CA PHE F 7 22.96 -22.02 9.27
C PHE F 7 23.53 -21.25 8.09
N LYS F 8 22.89 -20.11 7.78
CA LYS F 8 23.34 -19.24 6.69
C LYS F 8 24.56 -18.52 7.19
N LEU F 9 24.32 -17.64 8.16
CA LEU F 9 25.35 -16.85 8.79
C LEU F 9 26.58 -17.72 8.95
N GLY F 10 26.37 -18.90 9.53
CA GLY F 10 27.47 -19.82 9.74
C GLY F 10 28.12 -20.16 8.43
N LEU F 11 27.30 -20.58 7.46
CA LEU F 11 27.81 -20.93 6.14
C LEU F 11 28.59 -19.78 5.52
N PHE F 12 28.04 -18.57 5.66
CA PHE F 12 28.67 -17.36 5.14
C PHE F 12 30.02 -17.21 5.83
N LYS F 13 29.97 -17.32 7.16
CA LYS F 13 31.15 -17.20 8.00
C LYS F 13 32.14 -18.27 7.57
N SER F 14 31.62 -19.50 7.46
CA SER F 14 32.43 -20.63 7.05
C SER F 14 33.08 -20.34 5.71
N LEU F 15 32.32 -19.67 4.84
CA LEU F 15 32.77 -19.34 3.50
C LEU F 15 33.63 -18.10 3.31
N PHE F 16 33.33 -17.06 4.07
CA PHE F 16 34.06 -15.81 3.94
C PHE F 16 34.98 -15.51 5.12
N LEU F 17 34.81 -16.25 6.20
CA LEU F 17 35.63 -16.12 7.40
C LEU F 17 35.37 -14.87 8.23
N CYS F 18 34.10 -14.52 8.43
CA CYS F 18 33.77 -13.33 9.23
C CYS F 18 32.27 -13.11 9.23
N SER F 19 31.68 -12.97 10.41
CA SER F 19 30.24 -12.78 10.50
C SER F 19 29.69 -11.81 9.47
N PHE F 20 28.54 -12.18 8.92
CA PHE F 20 27.85 -11.37 7.94
C PHE F 20 27.57 -10.03 8.62
N HIS F 21 27.40 -10.09 9.94
CA HIS F 21 27.13 -8.92 10.78
C HIS F 21 28.28 -7.91 10.75
N ASP F 22 29.50 -8.41 10.58
CA ASP F 22 30.68 -7.55 10.57
C ASP F 22 30.77 -6.60 9.39
N ILE F 23 29.83 -6.69 8.44
CA ILE F 23 29.85 -5.79 7.29
C ILE F 23 28.52 -5.12 6.96
N THR F 24 27.50 -5.36 7.77
CA THR F 24 26.19 -4.79 7.49
C THR F 24 25.52 -4.08 8.67
N ARG F 25 24.85 -2.95 8.43
CA ARG F 25 24.17 -2.24 9.52
C ARG F 25 22.71 -2.67 9.60
N LEU F 26 22.20 -2.82 10.82
CA LEU F 26 20.82 -3.25 11.08
C LEU F 26 19.73 -2.36 10.50
N PHE F 27 18.71 -3.00 9.95
CA PHE F 27 17.55 -2.33 9.34
C PHE F 27 16.42 -3.26 9.76
N LYS F 28 15.68 -2.93 10.82
CA LYS F 28 14.64 -3.86 11.23
C LYS F 28 13.32 -3.76 10.50
N ASN F 29 13.28 -3.04 9.39
CA ASN F 29 12.03 -2.94 8.64
C ASN F 29 12.18 -3.22 7.16
N ASP F 30 11.49 -4.26 6.70
CA ASP F 30 11.56 -4.63 5.29
C ASP F 30 11.04 -3.51 4.38
N LYS F 31 10.26 -2.60 4.94
CA LYS F 31 9.70 -1.50 4.16
C LYS F 31 10.64 -0.28 4.12
N THR F 32 11.73 -0.33 4.89
CA THR F 32 12.72 0.76 4.94
C THR F 32 13.52 0.71 3.67
N THR F 33 13.51 1.79 2.90
CA THR F 33 14.22 1.82 1.62
C THR F 33 15.63 2.39 1.66
N ASN F 34 16.48 1.91 0.76
CA ASN F 34 17.83 2.41 0.70
C ASN F 34 18.45 2.14 -0.67
N GLN F 35 19.48 2.90 -1.02
CA GLN F 35 20.14 2.71 -2.30
C GLN F 35 21.12 1.55 -2.23
N GLN F 36 21.93 1.52 -1.18
CA GLN F 36 22.93 0.48 -1.03
C GLN F 36 22.50 -0.71 -0.20
N TRP F 37 22.83 -1.89 -0.68
CA TRP F 37 22.50 -3.12 0.01
C TRP F 37 23.60 -4.15 -0.09
N VAL F 38 23.58 -5.07 0.86
CA VAL F 38 24.52 -6.16 0.90
C VAL F 38 23.69 -7.43 0.82
N LEU F 39 24.00 -8.24 -0.18
CA LEU F 39 23.27 -9.46 -0.45
C LEU F 39 24.11 -10.71 -0.30
N ALA F 40 23.53 -11.68 0.41
CA ALA F 40 24.17 -12.97 0.62
C ALA F 40 23.19 -13.93 -0.02
N VAL F 41 23.63 -14.62 -1.07
CA VAL F 41 22.76 -15.56 -1.76
C VAL F 41 23.29 -16.97 -1.62
N PHE F 42 22.39 -17.90 -1.36
CA PHE F 42 22.78 -19.29 -1.16
C PHE F 42 22.23 -20.26 -2.20
N GLY F 43 23.11 -21.11 -2.74
CA GLY F 43 22.69 -22.09 -3.73
C GLY F 43 22.49 -21.46 -5.09
N LEU F 44 23.35 -20.51 -5.40
CA LEU F 44 23.26 -19.79 -6.65
C LEU F 44 23.85 -20.54 -7.82
N ALA F 45 23.03 -20.70 -8.86
CA ALA F 45 23.45 -21.39 -10.08
C ALA F 45 24.56 -20.59 -10.74
N GLU F 46 25.62 -21.26 -11.14
CA GLU F 46 26.75 -20.60 -11.77
C GLU F 46 26.27 -19.52 -12.75
N VAL F 47 25.47 -19.94 -13.74
CA VAL F 47 24.96 -19.04 -14.76
C VAL F 47 24.27 -17.78 -14.20
N PHE F 48 23.23 -17.97 -13.40
CA PHE F 48 22.51 -16.85 -12.82
C PHE F 48 23.42 -15.83 -12.15
N PHE F 49 24.50 -16.29 -11.53
CA PHE F 49 25.40 -15.35 -10.92
C PHE F 49 25.95 -14.50 -12.06
N GLU F 50 26.57 -15.15 -13.04
CA GLU F 50 27.13 -14.44 -14.18
C GLU F 50 26.14 -13.47 -14.81
N ALA F 51 24.88 -13.90 -14.93
CA ALA F 51 23.85 -13.07 -15.54
C ALA F 51 23.51 -11.81 -14.75
N SER F 52 23.14 -12.01 -13.50
CA SER F 52 22.77 -10.94 -12.60
C SER F 52 23.73 -9.77 -12.68
N PHE F 53 25.02 -10.07 -12.80
CA PHE F 53 26.02 -9.02 -12.88
C PHE F 53 25.79 -8.11 -14.08
N GLU F 54 25.73 -8.68 -15.27
CA GLU F 54 25.53 -7.89 -16.48
C GLU F 54 24.21 -7.16 -16.46
N LEU F 55 23.23 -7.77 -15.80
CA LEU F 55 21.87 -7.24 -15.70
C LEU F 55 21.73 -6.08 -14.72
N LEU F 56 22.38 -6.20 -13.57
CA LEU F 56 22.31 -5.14 -12.57
C LEU F 56 22.96 -3.86 -13.08
N LYS F 57 24.07 -4.01 -13.80
CA LYS F 57 24.78 -2.85 -14.32
C LYS F 57 23.82 -1.81 -14.87
N LYS F 58 22.71 -2.26 -15.46
CA LYS F 58 21.73 -1.35 -16.02
C LYS F 58 21.11 -0.44 -14.97
N GLN F 59 21.10 -0.89 -13.72
CA GLN F 59 20.47 -0.08 -12.68
C GLN F 59 21.27 0.21 -11.41
N CYS F 60 22.59 0.10 -11.47
CA CYS F 60 23.43 0.37 -10.30
C CYS F 60 24.54 1.36 -10.63
N SER F 61 24.90 2.19 -9.66
CA SER F 61 25.96 3.16 -9.87
C SER F 61 27.28 2.49 -9.51
N PHE F 62 27.20 1.47 -8.67
CA PHE F 62 28.36 0.71 -8.23
C PHE F 62 27.93 -0.68 -7.85
N LEU F 63 28.74 -1.66 -8.24
CA LEU F 63 28.41 -3.05 -7.97
C LEU F 63 29.65 -3.91 -7.77
N GLN F 64 29.67 -4.73 -6.71
CA GLN F 64 30.80 -5.64 -6.49
C GLN F 64 30.32 -7.03 -6.12
N MET F 65 30.73 -8.02 -6.91
CA MET F 65 30.30 -9.40 -6.69
C MET F 65 31.42 -10.40 -6.48
N GLN F 66 31.22 -11.26 -5.48
CA GLN F 66 32.15 -12.32 -5.14
C GLN F 66 31.33 -13.58 -4.86
N LYS F 67 31.85 -14.73 -5.25
CA LYS F 67 31.13 -15.98 -5.03
C LYS F 67 32.07 -17.10 -4.56
N ARG F 68 31.79 -17.66 -3.38
CA ARG F 68 32.62 -18.73 -2.84
C ARG F 68 31.84 -19.99 -2.52
N SER F 69 32.54 -21.11 -2.49
CA SER F 69 31.91 -22.40 -2.21
C SER F 69 32.89 -23.53 -1.93
N HIS F 70 32.35 -24.63 -1.42
CA HIS F 70 33.14 -25.81 -1.09
C HIS F 70 32.21 -27.00 -0.88
N GLU F 71 32.74 -28.10 -0.32
CA GLU F 71 31.92 -29.29 -0.09
C GLU F 71 30.87 -29.15 1.00
N GLY F 72 30.42 -27.92 1.26
CA GLY F 72 29.42 -27.68 2.27
C GLY F 72 28.27 -26.83 1.75
N GLY F 73 28.55 -26.06 0.70
CA GLY F 73 27.55 -25.20 0.11
C GLY F 73 28.16 -24.05 -0.67
N THR F 74 27.33 -23.32 -1.40
CA THR F 74 27.80 -22.18 -2.20
C THR F 74 27.11 -20.90 -1.73
N CYS F 75 27.84 -19.80 -1.76
CA CYS F 75 27.32 -18.52 -1.32
C CYS F 75 28.00 -17.36 -2.02
N ALA F 76 27.21 -16.38 -2.44
CA ALA F 76 27.76 -15.22 -3.11
C ALA F 76 27.37 -13.97 -2.33
N VAL F 77 28.14 -12.92 -2.54
CA VAL F 77 27.86 -11.66 -1.86
C VAL F 77 27.81 -10.51 -2.83
N TYR F 78 26.86 -9.62 -2.58
CA TYR F 78 26.71 -8.47 -3.43
C TYR F 78 26.78 -7.19 -2.63
N LEU F 79 27.44 -6.19 -3.21
CA LEU F 79 27.48 -4.87 -2.60
C LEU F 79 26.83 -4.10 -3.71
N ILE F 80 25.54 -3.85 -3.55
CA ILE F 80 24.79 -3.16 -4.58
C ILE F 80 24.45 -1.72 -4.24
N CYS F 81 24.61 -0.85 -5.24
CA CYS F 81 24.24 0.53 -5.06
C CYS F 81 23.25 0.86 -6.17
N PHE F 82 22.00 0.56 -5.92
CA PHE F 82 20.95 0.81 -6.89
C PHE F 82 20.84 2.28 -7.21
N ASN F 83 20.57 2.63 -8.47
CA ASN F 83 20.44 4.04 -8.83
C ASN F 83 19.21 4.55 -8.10
N THR F 84 18.30 3.64 -7.77
CA THR F 84 17.07 4.00 -7.09
C THR F 84 16.97 3.31 -5.72
N ALA F 85 16.31 3.98 -4.79
CA ALA F 85 16.13 3.45 -3.44
C ALA F 85 15.20 2.26 -3.53
N LYS F 86 15.43 1.26 -2.69
CA LYS F 86 14.56 0.07 -2.70
C LYS F 86 14.50 -0.54 -1.33
N SER F 87 13.29 -0.90 -0.90
CA SER F 87 13.11 -1.54 0.40
C SER F 87 13.55 -3.00 0.28
N ARG F 88 13.89 -3.64 1.40
CA ARG F 88 14.30 -5.04 1.33
C ARG F 88 13.20 -5.80 0.62
N GLU F 89 11.96 -5.42 0.89
CA GLU F 89 10.79 -6.02 0.26
C GLU F 89 11.09 -6.11 -1.22
N THR F 90 11.34 -4.95 -1.82
CA THR F 90 11.65 -4.85 -3.24
C THR F 90 12.86 -5.67 -3.66
N VAL F 91 14.01 -5.37 -3.09
CA VAL F 91 15.21 -6.10 -3.48
C VAL F 91 15.04 -7.61 -3.32
N ARG F 92 14.29 -8.00 -2.31
CA ARG F 92 14.03 -9.39 -2.03
C ARG F 92 13.36 -9.96 -3.28
N ASN F 93 12.31 -9.28 -3.74
CA ASN F 93 11.57 -9.69 -4.92
C ASN F 93 12.47 -9.66 -6.17
N LEU F 94 13.04 -8.49 -6.44
CA LEU F 94 13.91 -8.33 -7.60
C LEU F 94 14.99 -9.37 -7.68
N MET F 95 15.78 -9.50 -6.62
CA MET F 95 16.87 -10.45 -6.62
C MET F 95 16.46 -11.92 -6.55
N ALA F 96 15.29 -12.19 -5.98
CA ALA F 96 14.81 -13.56 -5.89
C ALA F 96 14.63 -14.09 -7.31
N ASN F 97 13.74 -13.43 -8.06
CA ASN F 97 13.46 -13.81 -9.44
C ASN F 97 14.67 -13.66 -10.37
N MET F 98 15.54 -12.69 -10.10
CA MET F 98 16.70 -12.50 -10.96
C MET F 98 17.71 -13.63 -10.80
N LEU F 99 17.92 -14.05 -9.55
CA LEU F 99 18.86 -15.11 -9.28
C LEU F 99 18.19 -16.48 -9.41
N ASN F 100 16.87 -16.47 -9.37
CA ASN F 100 16.11 -17.70 -9.50
C ASN F 100 16.37 -18.56 -8.27
N VAL F 101 15.83 -18.14 -7.15
CA VAL F 101 15.97 -18.83 -5.87
C VAL F 101 14.80 -18.38 -5.01
N ARG F 102 14.48 -19.12 -3.96
CA ARG F 102 13.38 -18.74 -3.08
C ARG F 102 13.85 -17.56 -2.23
N GLU F 103 12.92 -16.69 -1.83
CA GLU F 103 13.28 -15.54 -1.00
C GLU F 103 14.11 -16.06 0.17
N GLU F 104 13.87 -17.32 0.54
CA GLU F 104 14.56 -17.97 1.63
C GLU F 104 16.07 -18.01 1.46
N CYS F 105 16.54 -18.03 0.22
CA CYS F 105 17.99 -18.10 -0.03
C CYS F 105 18.73 -16.76 -0.02
N LEU F 106 18.06 -15.71 0.45
CA LEU F 106 18.67 -14.38 0.45
C LEU F 106 18.76 -13.70 1.81
N MET F 107 19.90 -13.04 2.03
CA MET F 107 20.15 -12.28 3.24
C MET F 107 20.40 -10.83 2.80
N LEU F 108 19.59 -9.91 3.31
CA LEU F 108 19.70 -8.52 2.92
C LEU F 108 19.71 -7.47 4.04
N GLN F 109 20.80 -6.72 4.09
CA GLN F 109 20.98 -5.65 5.06
C GLN F 109 21.87 -4.63 4.39
N PRO F 110 21.69 -3.36 4.73
CA PRO F 110 22.52 -2.29 4.14
C PRO F 110 23.93 -2.45 4.65
N PRO F 111 24.92 -2.02 3.88
CA PRO F 111 26.30 -2.17 4.34
C PRO F 111 26.61 -1.45 5.65
N LYS F 112 27.74 -1.82 6.24
CA LYS F 112 28.21 -1.17 7.46
C LYS F 112 29.20 -0.18 6.86
N ILE F 113 28.72 1.03 6.58
CA ILE F 113 29.54 2.07 5.96
C ILE F 113 30.64 2.67 6.83
N ARG F 114 30.32 2.96 8.09
CA ARG F 114 31.29 3.56 9.01
C ARG F 114 31.98 2.49 9.86
N GLY F 115 33.24 2.18 9.54
CA GLY F 115 33.97 1.18 10.30
C GLY F 115 35.07 0.43 9.54
N LEU F 116 36.24 1.07 9.42
CA LEU F 116 37.39 0.52 8.70
C LEU F 116 37.47 -1.00 8.49
N SER F 117 37.20 -1.77 9.54
CA SER F 117 37.26 -3.21 9.43
C SER F 117 36.47 -3.61 8.20
N ALA F 118 35.14 -3.53 8.32
CA ALA F 118 34.24 -3.87 7.22
C ALA F 118 34.67 -3.18 5.93
N ALA F 119 34.80 -1.86 5.99
CA ALA F 119 35.21 -1.09 4.83
C ALA F 119 36.36 -1.79 4.11
N LEU F 120 37.19 -2.50 4.85
CA LEU F 120 38.31 -3.19 4.23
C LEU F 120 37.85 -4.44 3.51
N PHE F 121 36.80 -5.08 4.01
CA PHE F 121 36.24 -6.30 3.42
C PHE F 121 36.19 -6.18 1.91
N TRP F 122 35.49 -5.15 1.46
CA TRP F 122 35.34 -4.90 0.04
C TRP F 122 36.70 -4.59 -0.54
N PHE F 123 37.50 -3.82 0.19
CA PHE F 123 38.83 -3.52 -0.32
C PHE F 123 39.54 -4.84 -0.64
N LYS F 124 39.71 -5.68 0.36
CA LYS F 124 40.37 -6.96 0.17
C LYS F 124 39.74 -7.67 -1.02
N SER F 125 38.42 -7.79 -0.98
CA SER F 125 37.67 -8.46 -2.04
C SER F 125 37.98 -7.87 -3.40
N SER F 126 38.15 -6.55 -3.46
CA SER F 126 38.45 -5.89 -4.71
C SER F 126 39.87 -6.19 -5.15
N LEU F 127 40.50 -7.15 -4.47
CA LEU F 127 41.88 -7.48 -4.82
C LEU F 127 42.01 -8.82 -5.54
N SER F 128 40.93 -9.58 -5.61
CA SER F 128 40.95 -10.86 -6.32
C SER F 128 40.44 -10.64 -7.73
N PRO F 129 41.11 -11.25 -8.72
CA PRO F 129 40.68 -11.07 -10.11
C PRO F 129 39.35 -11.79 -10.41
N ALA F 130 39.04 -12.81 -9.61
CA ALA F 130 37.81 -13.57 -9.79
C ALA F 130 36.62 -12.83 -9.18
N THR F 131 36.66 -11.51 -9.26
CA THR F 131 35.59 -10.70 -8.72
C THR F 131 35.05 -9.74 -9.77
N LEU F 132 33.76 -9.46 -9.70
CA LEU F 132 33.10 -8.58 -10.65
C LEU F 132 33.02 -7.17 -10.11
N LYS F 133 33.63 -6.23 -10.82
CA LYS F 133 33.64 -4.83 -10.41
C LYS F 133 32.84 -3.99 -11.39
N HIS F 134 32.33 -2.85 -10.92
CA HIS F 134 31.59 -1.94 -11.77
C HIS F 134 31.30 -0.60 -11.10
N GLY F 135 31.78 0.47 -11.73
CA GLY F 135 31.55 1.79 -11.21
C GLY F 135 32.61 2.33 -10.29
N ALA F 136 32.46 3.61 -9.94
CA ALA F 136 33.38 4.29 -9.05
C ALA F 136 33.24 3.77 -7.63
N LEU F 137 34.30 3.16 -7.13
CA LEU F 137 34.31 2.64 -5.77
C LEU F 137 33.78 3.75 -4.85
N PRO F 138 32.77 3.43 -4.03
CA PRO F 138 32.06 4.27 -3.06
C PRO F 138 32.92 5.16 -2.17
N GLU F 139 32.48 6.39 -1.97
CA GLU F 139 33.22 7.32 -1.13
C GLU F 139 33.55 6.64 0.20
N TRP F 140 32.52 6.27 0.95
CA TRP F 140 32.75 5.62 2.24
C TRP F 140 33.81 4.51 2.17
N ILE F 141 33.69 3.61 1.21
CA ILE F 141 34.70 2.57 1.13
C ILE F 141 36.05 3.18 0.80
N ARG F 142 36.10 4.13 -0.13
CA ARG F 142 37.38 4.74 -0.50
C ARG F 142 38.04 5.47 0.66
N ALA F 143 37.35 6.47 1.20
CA ALA F 143 37.90 7.25 2.31
C ALA F 143 38.57 6.38 3.36
N GLN F 144 37.75 5.67 4.13
CA GLN F 144 38.23 4.79 5.18
C GLN F 144 39.40 3.87 4.82
N THR F 145 39.77 3.79 3.55
CA THR F 145 40.87 2.92 3.17
C THR F 145 41.99 3.59 2.38
N THR F 146 42.09 4.91 2.42
CA THR F 146 43.16 5.59 1.69
C THR F 146 43.76 6.68 2.57
N LEU F 147 45.07 6.91 2.42
CA LEU F 147 45.81 7.89 3.20
C LEU F 147 45.35 9.35 3.06
N ASN F 148 44.66 9.85 4.09
CA ASN F 148 44.17 11.22 4.08
C ASN F 148 44.42 11.88 5.44
N ALA G 4 13.33 -1.02 -39.81
CA ALA G 4 14.48 -1.85 -39.33
C ALA G 4 14.13 -3.33 -39.40
N THR G 5 12.84 -3.62 -39.44
CA THR G 5 12.37 -4.98 -39.53
C THR G 5 13.03 -5.65 -40.72
N VAL G 6 13.11 -4.91 -41.82
CA VAL G 6 13.74 -5.39 -43.03
C VAL G 6 14.96 -6.23 -42.68
N PHE G 7 15.80 -5.71 -41.78
CA PHE G 7 17.01 -6.43 -41.37
C PHE G 7 16.69 -7.63 -40.49
N LYS G 8 16.00 -7.37 -39.39
CA LYS G 8 15.64 -8.46 -38.49
C LYS G 8 15.24 -9.64 -39.37
N LEU G 9 14.25 -9.40 -40.21
CA LEU G 9 13.74 -10.41 -41.13
C LEU G 9 14.83 -11.04 -41.98
N GLY G 10 15.53 -10.22 -42.75
CA GLY G 10 16.59 -10.69 -43.60
C GLY G 10 17.58 -11.58 -42.88
N LEU G 11 17.95 -11.17 -41.67
CA LEU G 11 18.90 -11.92 -40.87
C LEU G 11 18.30 -13.26 -40.43
N PHE G 12 17.01 -13.26 -40.15
CA PHE G 12 16.35 -14.48 -39.74
C PHE G 12 16.46 -15.49 -40.85
N LYS G 13 16.15 -15.05 -42.07
CA LYS G 13 16.21 -15.91 -43.24
C LYS G 13 17.60 -16.50 -43.42
N SER G 14 18.58 -15.67 -43.74
CA SER G 14 19.95 -16.13 -43.94
C SER G 14 20.40 -17.06 -42.81
N LEU G 15 19.82 -16.89 -41.64
CA LEU G 15 20.18 -17.71 -40.50
C LEU G 15 19.34 -18.96 -40.31
N PHE G 16 18.07 -18.89 -40.69
CA PHE G 16 17.18 -20.04 -40.53
C PHE G 16 16.64 -20.66 -41.82
N LEU G 17 17.07 -20.13 -42.96
CA LEU G 17 16.66 -20.64 -44.26
C LEU G 17 15.17 -20.58 -44.54
N CYS G 18 14.49 -19.59 -43.99
CA CYS G 18 13.06 -19.43 -44.22
C CYS G 18 12.62 -18.10 -43.65
N SER G 19 11.50 -17.58 -44.15
CA SER G 19 10.99 -16.30 -43.67
C SER G 19 10.38 -16.44 -42.29
N PHE G 20 10.48 -15.37 -41.52
CA PHE G 20 9.91 -15.37 -40.18
C PHE G 20 8.40 -15.53 -40.34
N HIS G 21 7.86 -14.94 -41.41
CA HIS G 21 6.44 -14.99 -41.69
C HIS G 21 6.00 -16.44 -41.85
N ASP G 22 6.85 -17.24 -42.49
CA ASP G 22 6.54 -18.63 -42.74
C ASP G 22 6.15 -19.42 -41.51
N ILE G 23 6.56 -18.97 -40.32
CA ILE G 23 6.25 -19.71 -39.10
C ILE G 23 5.29 -19.07 -38.11
N THR G 24 4.84 -17.86 -38.43
CA THR G 24 3.97 -17.14 -37.54
C THR G 24 2.76 -16.53 -38.23
N ARG G 25 1.74 -16.17 -37.46
CA ARG G 25 0.57 -15.52 -38.03
C ARG G 25 0.52 -14.10 -37.50
N LEU G 26 0.01 -13.15 -38.28
CA LEU G 26 -0.02 -11.77 -37.83
C LEU G 26 -1.07 -11.35 -36.79
N PHE G 27 -0.64 -10.44 -35.90
CA PHE G 27 -1.44 -9.82 -34.84
C PHE G 27 -1.13 -8.34 -35.02
N LYS G 28 -2.03 -7.59 -35.63
CA LYS G 28 -1.76 -6.19 -35.85
C LYS G 28 -1.88 -5.34 -34.60
N ASN G 29 -2.38 -5.90 -33.50
CA ASN G 29 -2.51 -5.11 -32.27
C ASN G 29 -1.58 -5.59 -31.16
N ASP G 30 -0.79 -4.69 -30.62
CA ASP G 30 0.13 -5.07 -29.57
C ASP G 30 -0.54 -5.43 -28.25
N LYS G 31 -1.74 -4.91 -28.02
CA LYS G 31 -2.45 -5.19 -26.75
C LYS G 31 -3.20 -6.52 -26.75
N THR G 32 -3.24 -7.21 -27.88
CA THR G 32 -3.94 -8.48 -28.00
C THR G 32 -3.24 -9.61 -27.26
N THR G 33 -3.92 -10.18 -26.26
CA THR G 33 -3.36 -11.26 -25.44
C THR G 33 -3.35 -12.64 -26.08
N ASN G 34 -2.26 -13.37 -25.86
CA ASN G 34 -2.13 -14.74 -26.39
C ASN G 34 -1.19 -15.58 -25.55
N GLN G 35 -1.39 -16.90 -25.58
CA GLN G 35 -0.57 -17.82 -24.81
C GLN G 35 0.68 -18.23 -25.56
N GLN G 36 0.51 -18.59 -26.81
CA GLN G 36 1.64 -19.02 -27.61
C GLN G 36 2.34 -17.90 -28.34
N TRP G 37 3.66 -17.92 -28.30
CA TRP G 37 4.45 -16.89 -28.98
C TRP G 37 5.70 -17.41 -29.66
N VAL G 38 6.06 -16.74 -30.75
CA VAL G 38 7.26 -17.05 -31.49
C VAL G 38 8.15 -15.83 -31.25
N LEU G 39 9.38 -16.07 -30.83
CA LEU G 39 10.28 -14.95 -30.56
C LEU G 39 11.61 -15.11 -31.27
N ALA G 40 12.01 -14.04 -31.94
CA ALA G 40 13.29 -14.02 -32.63
C ALA G 40 14.06 -12.92 -31.92
N VAL G 41 15.22 -13.27 -31.37
CA VAL G 41 16.03 -12.30 -30.65
C VAL G 41 17.39 -12.12 -31.31
N PHE G 42 17.71 -10.88 -31.61
CA PHE G 42 18.96 -10.55 -32.24
C PHE G 42 19.99 -9.94 -31.31
N GLY G 43 21.20 -10.50 -31.31
CA GLY G 43 22.25 -9.97 -30.46
C GLY G 43 22.20 -10.56 -29.06
N LEU G 44 21.59 -11.73 -28.94
CA LEU G 44 21.46 -12.40 -27.67
C LEU G 44 22.80 -12.87 -27.11
N ALA G 45 22.97 -12.67 -25.80
CA ALA G 45 24.21 -13.07 -25.13
C ALA G 45 24.08 -14.50 -24.63
N GLU G 46 25.09 -15.31 -24.90
CA GLU G 46 25.08 -16.71 -24.49
C GLU G 46 24.49 -16.92 -23.11
N VAL G 47 25.08 -16.27 -22.12
CA VAL G 47 24.64 -16.39 -20.75
C VAL G 47 23.15 -16.14 -20.56
N PHE G 48 22.64 -15.08 -21.18
CA PHE G 48 21.23 -14.80 -21.06
C PHE G 48 20.42 -15.89 -21.72
N PHE G 49 20.76 -16.22 -22.96
CA PHE G 49 20.05 -17.28 -23.65
C PHE G 49 19.95 -18.49 -22.73
N GLU G 50 21.05 -18.85 -22.08
CA GLU G 50 21.03 -19.98 -21.15
C GLU G 50 20.03 -19.73 -20.04
N ALA G 51 20.19 -18.60 -19.37
CA ALA G 51 19.31 -18.24 -18.26
C ALA G 51 17.86 -18.29 -18.69
N SER G 52 17.53 -17.49 -19.69
CA SER G 52 16.18 -17.39 -20.21
C SER G 52 15.50 -18.74 -20.20
N PHE G 53 16.24 -19.78 -20.58
CA PHE G 53 15.64 -21.10 -20.62
C PHE G 53 15.11 -21.48 -19.25
N GLU G 54 16.02 -21.59 -18.29
CA GLU G 54 15.68 -21.96 -16.92
C GLU G 54 14.56 -21.08 -16.38
N LEU G 55 14.61 -19.80 -16.71
CA LEU G 55 13.61 -18.87 -16.22
C LEU G 55 12.22 -19.06 -16.80
N LEU G 56 12.13 -19.18 -18.11
CA LEU G 56 10.86 -19.38 -18.79
C LEU G 56 10.20 -20.68 -18.42
N LYS G 57 11.00 -21.70 -18.11
CA LYS G 57 10.45 -22.99 -17.75
C LYS G 57 9.39 -22.75 -16.68
N LYS G 58 9.76 -22.00 -15.65
CA LYS G 58 8.87 -21.71 -14.53
C LYS G 58 7.49 -21.16 -14.90
N GLN G 59 7.26 -20.80 -16.16
CA GLN G 59 5.96 -20.25 -16.53
C GLN G 59 5.50 -20.57 -17.95
N CYS G 60 5.97 -21.68 -18.51
CA CYS G 60 5.58 -22.08 -19.85
C CYS G 60 5.20 -23.54 -19.82
N SER G 61 4.07 -23.88 -20.44
CA SER G 61 3.63 -25.26 -20.48
C SER G 61 4.60 -25.95 -21.42
N PHE G 62 5.06 -25.20 -22.40
CA PHE G 62 6.00 -25.69 -23.40
C PHE G 62 6.93 -24.57 -23.81
N LEU G 63 8.15 -24.93 -24.19
CA LEU G 63 9.14 -23.97 -24.61
C LEU G 63 10.22 -24.65 -25.42
N GLN G 64 10.52 -24.10 -26.58
CA GLN G 64 11.57 -24.65 -27.43
C GLN G 64 12.50 -23.51 -27.84
N MET G 65 13.74 -23.56 -27.36
CA MET G 65 14.69 -22.51 -27.70
C MET G 65 15.75 -22.96 -28.65
N GLN G 66 16.09 -22.08 -29.57
CA GLN G 66 17.07 -22.40 -30.59
C GLN G 66 17.91 -21.18 -30.91
N LYS G 67 19.23 -21.33 -30.93
CA LYS G 67 20.10 -20.20 -31.22
C LYS G 67 21.07 -20.54 -32.35
N ARG G 68 21.21 -19.65 -33.32
CA ARG G 68 22.13 -19.85 -34.45
C ARG G 68 22.88 -18.55 -34.69
N SER G 69 23.99 -18.61 -35.42
CA SER G 69 24.77 -17.39 -35.69
C SER G 69 25.93 -17.54 -36.66
N HIS G 70 26.50 -16.39 -37.01
CA HIS G 70 27.65 -16.29 -37.90
C HIS G 70 28.18 -14.85 -37.87
N GLU G 71 29.21 -14.55 -38.67
CA GLU G 71 29.80 -13.22 -38.68
C GLU G 71 28.82 -12.07 -38.91
N GLY G 72 27.95 -12.23 -39.90
CA GLY G 72 26.97 -11.20 -40.22
C GLY G 72 25.95 -10.88 -39.14
N GLY G 73 25.70 -11.83 -38.25
CA GLY G 73 24.75 -11.61 -37.18
C GLY G 73 24.44 -12.87 -36.41
N THR G 74 23.69 -12.71 -35.34
CA THR G 74 23.29 -13.83 -34.50
C THR G 74 21.81 -13.68 -34.16
N CYS G 75 21.10 -14.79 -34.15
CA CYS G 75 19.68 -14.76 -33.86
C CYS G 75 19.21 -16.04 -33.17
N ALA G 76 18.17 -15.92 -32.37
CA ALA G 76 17.61 -17.07 -31.66
C ALA G 76 16.10 -17.04 -31.77
N VAL G 77 15.49 -18.20 -31.92
CA VAL G 77 14.04 -18.24 -32.01
C VAL G 77 13.47 -19.01 -30.83
N TYR G 78 12.37 -18.49 -30.30
CA TYR G 78 11.71 -19.09 -29.18
C TYR G 78 10.27 -19.42 -29.53
N LEU G 79 9.83 -20.63 -29.19
CA LEU G 79 8.43 -20.98 -29.40
C LEU G 79 7.95 -21.11 -27.96
N ILE G 80 7.40 -20.03 -27.44
CA ILE G 80 6.96 -19.98 -26.05
C ILE G 80 5.51 -20.33 -25.92
N CYS G 81 5.15 -20.88 -24.77
CA CYS G 81 3.77 -21.23 -24.45
C CYS G 81 3.52 -20.90 -22.99
N PHE G 82 3.28 -19.62 -22.73
CA PHE G 82 3.03 -19.14 -21.38
C PHE G 82 1.79 -19.78 -20.79
N ASN G 83 1.87 -20.18 -19.52
CA ASN G 83 0.72 -20.78 -18.88
C ASN G 83 -0.39 -19.75 -18.87
N THR G 84 -0.02 -18.48 -19.02
CA THR G 84 -1.00 -17.40 -19.02
C THR G 84 -0.95 -16.45 -20.22
N ALA G 85 -2.11 -16.15 -20.78
CA ALA G 85 -2.21 -15.27 -21.94
C ALA G 85 -1.49 -13.94 -21.73
N LYS G 86 -0.62 -13.58 -22.68
CA LYS G 86 0.14 -12.32 -22.62
C LYS G 86 0.10 -11.50 -23.92
N SER G 87 -0.03 -10.20 -23.77
CA SER G 87 -0.05 -9.29 -24.93
C SER G 87 1.36 -9.19 -25.46
N ARG G 88 1.52 -8.69 -26.69
CA ARG G 88 2.86 -8.57 -27.25
C ARG G 88 3.63 -7.65 -26.33
N GLU G 89 3.00 -6.59 -25.85
CA GLU G 89 3.68 -5.68 -24.94
C GLU G 89 4.22 -6.54 -23.81
N THR G 90 3.36 -6.95 -22.90
CA THR G 90 3.81 -7.77 -21.79
C THR G 90 4.96 -8.69 -22.16
N VAL G 91 4.76 -9.51 -23.18
CA VAL G 91 5.80 -10.45 -23.60
C VAL G 91 7.06 -9.68 -23.89
N ARG G 92 6.90 -8.66 -24.71
CA ARG G 92 8.01 -7.80 -25.09
C ARG G 92 8.72 -7.28 -23.84
N ASN G 93 8.05 -6.47 -23.02
CA ASN G 93 8.66 -5.96 -21.79
C ASN G 93 9.41 -7.06 -21.04
N LEU G 94 8.69 -8.13 -20.69
CA LEU G 94 9.28 -9.25 -19.96
C LEU G 94 10.57 -9.73 -20.58
N MET G 95 10.53 -10.04 -21.86
CA MET G 95 11.70 -10.55 -22.54
C MET G 95 12.80 -9.53 -22.82
N ALA G 96 12.42 -8.33 -23.23
CA ALA G 96 13.41 -7.32 -23.52
C ALA G 96 14.34 -7.25 -22.32
N ASN G 97 13.79 -7.49 -21.15
CA ASN G 97 14.56 -7.44 -19.92
C ASN G 97 15.27 -8.76 -19.59
N MET G 98 14.51 -9.84 -19.45
CA MET G 98 15.10 -11.14 -19.13
C MET G 98 16.28 -11.48 -20.02
N LEU G 99 16.26 -10.99 -21.25
CA LEU G 99 17.34 -11.26 -22.20
C LEU G 99 18.41 -10.18 -22.22
N ASN G 100 18.02 -8.96 -21.85
CA ASN G 100 18.95 -7.85 -21.81
C ASN G 100 19.31 -7.36 -23.20
N VAL G 101 18.29 -6.97 -23.94
CA VAL G 101 18.43 -6.44 -25.30
C VAL G 101 17.37 -5.35 -25.44
N ARG G 102 17.65 -4.30 -26.20
CA ARG G 102 16.64 -3.25 -26.34
C ARG G 102 15.43 -3.92 -27.01
N GLU G 103 14.24 -3.36 -26.81
CA GLU G 103 13.04 -3.95 -27.40
C GLU G 103 13.26 -4.16 -28.88
N GLU G 104 13.87 -3.16 -29.51
CA GLU G 104 14.17 -3.18 -30.95
C GLU G 104 14.85 -4.45 -31.44
N CYS G 105 15.45 -5.24 -30.55
CA CYS G 105 16.12 -6.47 -30.94
C CYS G 105 15.17 -7.66 -30.85
N LEU G 106 13.88 -7.38 -30.76
CA LEU G 106 12.88 -8.42 -30.65
C LEU G 106 11.92 -8.48 -31.82
N MET G 107 11.35 -9.65 -32.04
CA MET G 107 10.36 -9.87 -33.08
C MET G 107 9.37 -10.83 -32.44
N LEU G 108 8.14 -10.37 -32.27
CA LEU G 108 7.11 -11.18 -31.64
C LEU G 108 5.81 -11.29 -32.43
N GLN G 109 5.46 -12.52 -32.77
CA GLN G 109 4.23 -12.79 -33.49
C GLN G 109 3.74 -14.18 -33.09
N PRO G 110 2.43 -14.35 -33.00
CA PRO G 110 1.91 -15.67 -32.62
C PRO G 110 2.21 -16.67 -33.72
N PRO G 111 2.51 -17.92 -33.34
CA PRO G 111 2.84 -19.00 -34.27
C PRO G 111 1.81 -19.25 -35.34
N LYS G 112 2.21 -19.97 -36.38
CA LYS G 112 1.34 -20.33 -37.48
C LYS G 112 0.93 -21.75 -37.12
N ILE G 113 -0.32 -21.94 -36.70
CA ILE G 113 -0.76 -23.28 -36.31
C ILE G 113 -1.19 -24.18 -37.47
N ARG G 114 -2.19 -23.75 -38.22
CA ARG G 114 -2.65 -24.52 -39.38
C ARG G 114 -1.62 -24.32 -40.49
N GLY G 115 -0.73 -25.30 -40.66
CA GLY G 115 0.30 -25.20 -41.68
C GLY G 115 1.37 -26.25 -41.46
N LEU G 116 1.58 -27.13 -42.45
CA LEU G 116 2.56 -28.20 -42.30
C LEU G 116 3.98 -27.71 -42.44
N SER G 117 4.22 -26.81 -43.38
CA SER G 117 5.56 -26.29 -43.57
C SER G 117 6.00 -25.75 -42.22
N ALA G 118 5.08 -25.09 -41.53
CA ALA G 118 5.34 -24.51 -40.23
C ALA G 118 5.59 -25.58 -39.18
N ALA G 119 4.68 -26.54 -39.09
CA ALA G 119 4.81 -27.60 -38.09
C ALA G 119 6.16 -28.29 -38.18
N LEU G 120 6.59 -28.53 -39.41
CA LEU G 120 7.84 -29.20 -39.62
C LEU G 120 9.03 -28.38 -39.17
N PHE G 121 8.88 -27.07 -39.14
CA PHE G 121 9.97 -26.20 -38.69
C PHE G 121 10.27 -26.55 -37.23
N TRP G 122 9.22 -26.56 -36.41
CA TRP G 122 9.36 -26.87 -35.01
C TRP G 122 9.80 -28.30 -34.83
N PHE G 123 9.22 -29.20 -35.60
CA PHE G 123 9.59 -30.60 -35.52
C PHE G 123 11.06 -30.77 -35.88
N LYS G 124 11.46 -30.20 -37.01
CA LYS G 124 12.84 -30.31 -37.44
C LYS G 124 13.74 -29.84 -36.32
N SER G 125 13.44 -28.66 -35.79
CA SER G 125 14.24 -28.12 -34.71
C SER G 125 14.37 -29.15 -33.60
N SER G 126 13.25 -29.51 -32.99
CA SER G 126 13.25 -30.48 -31.90
C SER G 126 14.11 -31.70 -32.17
N LEU G 127 14.51 -31.91 -33.42
CA LEU G 127 15.35 -33.06 -33.75
C LEU G 127 16.81 -32.82 -33.41
N SER G 128 17.25 -31.57 -33.53
CA SER G 128 18.63 -31.21 -33.22
C SER G 128 18.86 -31.27 -31.71
N PRO G 129 20.08 -31.64 -31.29
CA PRO G 129 20.36 -31.73 -29.84
C PRO G 129 20.53 -30.35 -29.19
N ALA G 130 21.31 -29.49 -29.83
CA ALA G 130 21.59 -28.14 -29.34
C ALA G 130 20.34 -27.42 -28.84
N THR G 131 19.23 -27.66 -29.51
CA THR G 131 17.94 -27.07 -29.16
C THR G 131 17.57 -27.41 -27.73
N LEU G 132 17.30 -26.38 -26.93
CA LEU G 132 16.90 -26.60 -25.55
C LEU G 132 15.40 -26.84 -25.63
N LYS G 133 14.96 -27.96 -25.07
CA LYS G 133 13.54 -28.30 -25.14
C LYS G 133 12.98 -28.53 -23.75
N HIS G 134 11.71 -28.20 -23.58
CA HIS G 134 11.01 -28.39 -22.33
C HIS G 134 9.52 -28.42 -22.55
N GLY G 135 8.89 -29.53 -22.16
CA GLY G 135 7.46 -29.66 -22.30
C GLY G 135 7.05 -30.67 -23.37
N ALA G 136 5.77 -30.99 -23.38
CA ALA G 136 5.23 -31.93 -24.36
C ALA G 136 4.92 -31.22 -25.66
N LEU G 137 5.65 -31.56 -26.72
CA LEU G 137 5.47 -30.95 -28.04
C LEU G 137 3.99 -30.64 -28.23
N PRO G 138 3.64 -29.39 -28.52
CA PRO G 138 2.24 -28.96 -28.71
C PRO G 138 1.40 -29.86 -29.60
N GLU G 139 0.09 -29.82 -29.36
CA GLU G 139 -0.88 -30.61 -30.13
C GLU G 139 -0.80 -30.29 -31.62
N TRP G 140 -1.18 -29.07 -31.98
CA TRP G 140 -1.16 -28.64 -33.38
C TRP G 140 0.08 -29.01 -34.19
N ILE G 141 1.22 -29.23 -33.55
CA ILE G 141 2.38 -29.58 -34.33
C ILE G 141 2.38 -31.06 -34.63
N ARG G 142 2.04 -31.87 -33.63
CA ARG G 142 2.01 -33.34 -33.79
C ARG G 142 0.92 -33.71 -34.77
N ALA G 143 -0.31 -33.34 -34.42
CA ALA G 143 -1.47 -33.61 -35.23
C ALA G 143 -1.22 -33.37 -36.72
N GLN G 144 -0.24 -32.51 -37.04
CA GLN G 144 0.07 -32.21 -38.43
C GLN G 144 1.30 -32.92 -38.97
N THR G 145 2.10 -33.49 -38.09
CA THR G 145 3.32 -34.17 -38.49
C THR G 145 3.34 -35.66 -38.12
N THR G 146 2.16 -36.27 -38.07
CA THR G 146 2.07 -37.69 -37.71
C THR G 146 1.35 -38.48 -38.80
N LEU G 147 1.80 -39.73 -38.99
CA LEU G 147 1.21 -40.62 -40.00
C LEU G 147 -0.23 -41.01 -39.65
N ASN G 148 -1.18 -40.21 -40.12
CA ASN G 148 -2.59 -40.48 -39.86
C ASN G 148 -3.03 -41.74 -40.60
N ALA H 4 -20.28 22.60 -18.13
CA ALA H 4 -19.61 23.63 -18.98
C ALA H 4 -18.78 22.98 -20.08
N THR H 5 -18.65 21.65 -20.03
CA THR H 5 -17.90 20.90 -21.04
C THR H 5 -18.37 21.37 -22.40
N VAL H 6 -19.66 21.64 -22.50
CA VAL H 6 -20.25 22.12 -23.74
C VAL H 6 -19.67 23.46 -24.12
N PHE H 7 -19.49 24.33 -23.12
CA PHE H 7 -18.92 25.66 -23.36
C PHE H 7 -17.48 25.50 -23.82
N LYS H 8 -16.88 24.35 -23.51
CA LYS H 8 -15.51 24.05 -23.90
C LYS H 8 -15.57 23.69 -25.38
N LEU H 9 -16.18 22.54 -25.62
CA LEU H 9 -16.38 22.01 -26.96
C LEU H 9 -16.67 23.16 -27.89
N GLY H 10 -17.65 23.97 -27.49
CA GLY H 10 -18.03 25.12 -28.29
C GLY H 10 -16.84 26.04 -28.49
N LEU H 11 -16.19 26.40 -27.39
CA LEU H 11 -15.03 27.28 -27.45
C LEU H 11 -13.95 26.69 -28.36
N PHE H 12 -13.72 25.39 -28.23
CA PHE H 12 -12.74 24.69 -29.05
C PHE H 12 -13.18 24.82 -30.49
N LYS H 13 -14.44 24.51 -30.73
CA LYS H 13 -15.03 24.58 -32.07
C LYS H 13 -14.89 26.01 -32.57
N SER H 14 -15.27 26.94 -31.71
CA SER H 14 -15.19 28.36 -32.03
C SER H 14 -13.76 28.71 -32.41
N LEU H 15 -12.81 28.10 -31.70
CA LEU H 15 -11.40 28.36 -31.90
C LEU H 15 -10.68 27.59 -33.01
N PHE H 16 -11.06 26.34 -33.21
CA PHE H 16 -10.42 25.53 -34.23
C PHE H 16 -11.28 25.24 -35.45
N LEU H 17 -12.58 25.52 -35.31
CA LEU H 17 -13.54 25.36 -36.39
C LEU H 17 -13.91 23.91 -36.71
N CYS H 18 -14.13 23.09 -35.68
CA CYS H 18 -14.50 21.69 -35.89
C CYS H 18 -14.61 20.97 -34.57
N SER H 19 -15.72 20.30 -34.34
CA SER H 19 -15.93 19.60 -33.08
C SER H 19 -14.70 18.83 -32.60
N PHE H 20 -14.45 18.93 -31.30
CA PHE H 20 -13.35 18.24 -30.66
C PHE H 20 -13.56 16.75 -30.95
N HIS H 21 -14.83 16.37 -31.08
CA HIS H 21 -15.22 14.99 -31.37
C HIS H 21 -14.71 14.51 -32.72
N ASP H 22 -14.56 15.42 -33.67
CA ASP H 22 -14.12 15.07 -35.01
C ASP H 22 -12.67 14.59 -35.08
N ILE H 23 -11.94 14.62 -33.97
CA ILE H 23 -10.55 14.15 -33.98
C ILE H 23 -10.18 13.19 -32.87
N THR H 24 -11.14 12.81 -32.03
CA THR H 24 -10.84 11.93 -30.91
C THR H 24 -11.78 10.72 -30.78
N ARG H 25 -11.24 9.55 -30.43
CA ARG H 25 -12.09 8.37 -30.24
C ARG H 25 -12.50 8.21 -28.79
N LEU H 26 -13.75 7.82 -28.55
CA LEU H 26 -14.31 7.65 -27.21
C LEU H 26 -13.60 6.64 -26.32
N PHE H 27 -13.43 7.00 -25.06
CA PHE H 27 -12.78 6.18 -24.03
C PHE H 27 -13.64 6.49 -22.81
N LYS H 28 -14.59 5.64 -22.46
CA LYS H 28 -15.43 5.99 -21.34
C LYS H 28 -14.88 5.65 -19.96
N ASN H 29 -13.60 5.30 -19.87
CA ASN H 29 -13.04 4.99 -18.57
C ASN H 29 -11.73 5.73 -18.28
N ASP H 30 -11.76 6.56 -17.24
CA ASP H 30 -10.57 7.31 -16.87
C ASP H 30 -9.40 6.40 -16.50
N LYS H 31 -9.68 5.14 -16.16
CA LYS H 31 -8.65 4.19 -15.78
C LYS H 31 -8.07 3.45 -16.99
N THR H 32 -8.67 3.65 -18.17
CA THR H 32 -8.22 3.00 -19.41
C THR H 32 -6.96 3.70 -19.84
N THR H 33 -5.86 2.96 -19.96
CA THR H 33 -4.57 3.54 -20.34
C THR H 33 -4.24 3.52 -21.83
N ASN H 34 -3.46 4.50 -22.26
CA ASN H 34 -3.06 4.54 -23.65
C ASN H 34 -1.81 5.39 -23.82
N GLN H 35 -1.09 5.19 -24.91
CA GLN H 35 0.11 5.95 -25.18
C GLN H 35 -0.23 7.31 -25.77
N GLN H 36 -1.12 7.31 -26.76
CA GLN H 36 -1.50 8.54 -27.43
C GLN H 36 -2.73 9.21 -26.88
N TRP H 37 -2.66 10.53 -26.73
CA TRP H 37 -3.77 11.31 -26.22
C TRP H 37 -3.90 12.64 -26.93
N VAL H 38 -5.11 13.18 -26.87
CA VAL H 38 -5.40 14.47 -27.44
C VAL H 38 -5.88 15.32 -26.28
N LEU H 39 -5.19 16.45 -26.10
CA LEU H 39 -5.46 17.35 -25.01
C LEU H 39 -5.94 18.72 -25.46
N ALA H 40 -7.01 19.19 -24.82
CA ALA H 40 -7.57 20.49 -25.08
C ALA H 40 -7.43 21.20 -23.74
N VAL H 41 -6.64 22.27 -23.71
CA VAL H 41 -6.44 23.00 -22.47
C VAL H 41 -7.00 24.40 -22.59
N PHE H 42 -7.68 24.84 -21.54
CA PHE H 42 -8.30 26.16 -21.55
C PHE H 42 -7.74 27.13 -20.52
N GLY H 43 -7.42 28.34 -20.97
CA GLY H 43 -6.90 29.36 -20.07
C GLY H 43 -5.45 29.12 -19.74
N LEU H 44 -4.71 28.66 -20.75
CA LEU H 44 -3.31 28.35 -20.57
C LEU H 44 -2.42 29.57 -20.62
N ALA H 45 -1.61 29.73 -19.58
CA ALA H 45 -0.66 30.83 -19.49
C ALA H 45 0.37 30.70 -20.60
N GLU H 46 0.64 31.80 -21.29
CA GLU H 46 1.60 31.77 -22.39
C GLU H 46 2.82 30.93 -22.02
N VAL H 47 3.49 31.31 -20.94
CA VAL H 47 4.69 30.61 -20.49
C VAL H 47 4.54 29.09 -20.34
N PHE H 48 3.59 28.66 -19.50
CA PHE H 48 3.36 27.25 -19.29
C PHE H 48 3.20 26.46 -20.58
N PHE H 49 2.60 27.07 -21.59
CA PHE H 49 2.47 26.38 -22.86
C PHE H 49 3.90 26.13 -23.35
N GLU H 50 4.66 27.22 -23.50
CA GLU H 50 6.03 27.11 -23.96
C GLU H 50 6.83 26.07 -23.17
N ALA H 51 6.63 26.05 -21.86
CA ALA H 51 7.36 25.13 -20.99
C ALA H 51 7.04 23.67 -21.22
N SER H 52 5.74 23.36 -21.12
CA SER H 52 5.25 22.00 -21.29
C SER H 52 5.85 21.32 -22.51
N PHE H 53 6.01 22.07 -23.57
CA PHE H 53 6.57 21.52 -24.79
C PHE H 53 7.98 20.97 -24.56
N GLU H 54 8.87 21.80 -24.07
CA GLU H 54 10.25 21.38 -23.83
C GLU H 54 10.32 20.25 -22.81
N LEU H 55 9.38 20.27 -21.88
CA LEU H 55 9.30 19.29 -20.80
C LEU H 55 8.78 17.92 -21.23
N LEU H 56 7.75 17.92 -22.08
CA LEU H 56 7.18 16.67 -22.54
C LEU H 56 8.18 15.90 -23.40
N LYS H 57 8.94 16.62 -24.21
CA LYS H 57 9.91 16.00 -25.08
C LYS H 57 10.67 14.89 -24.37
N LYS H 58 10.92 15.07 -23.07
CA LYS H 58 11.64 14.08 -22.30
C LYS H 58 10.90 12.76 -22.22
N GLN H 59 9.58 12.78 -22.37
CA GLN H 59 8.82 11.55 -22.27
C GLN H 59 7.84 11.20 -23.39
N CYS H 60 8.01 11.78 -24.57
CA CYS H 60 7.13 11.49 -25.70
C CYS H 60 7.93 11.10 -26.94
N SER H 61 7.36 10.20 -27.74
CA SER H 61 8.03 9.76 -28.96
C SER H 61 7.62 10.71 -30.08
N PHE H 62 6.47 11.35 -29.89
CA PHE H 62 5.95 12.31 -30.86
C PHE H 62 5.06 13.30 -30.15
N LEU H 63 5.18 14.56 -30.53
CA LEU H 63 4.40 15.60 -29.89
C LEU H 63 4.06 16.75 -30.83
N GLN H 64 2.80 17.19 -30.85
CA GLN H 64 2.42 18.32 -31.70
C GLN H 64 1.53 19.29 -30.94
N MET H 65 1.96 20.54 -30.85
CA MET H 65 1.24 21.56 -30.11
C MET H 65 0.83 22.78 -30.90
N GLN H 66 -0.43 23.19 -30.70
CA GLN H 66 -1.00 24.37 -31.34
C GLN H 66 -1.81 25.11 -30.29
N LYS H 67 -1.78 26.44 -30.34
CA LYS H 67 -2.50 27.25 -29.36
C LYS H 67 -3.22 28.42 -30.01
N ARG H 68 -4.54 28.49 -29.87
CA ARG H 68 -5.32 29.58 -30.47
C ARG H 68 -6.14 30.34 -29.44
N SER H 69 -6.49 31.58 -29.79
CA SER H 69 -7.27 32.42 -28.88
C SER H 69 -7.81 33.69 -29.54
N HIS H 70 -8.73 34.34 -28.84
CA HIS H 70 -9.35 35.57 -29.32
C HIS H 70 -10.09 36.25 -28.15
N GLU H 71 -10.92 37.24 -28.45
CA GLU H 71 -11.64 37.96 -27.40
C GLU H 71 -12.75 37.15 -26.73
N GLY H 72 -12.60 35.83 -26.73
CA GLY H 72 -13.59 34.97 -26.09
C GLY H 72 -12.95 33.97 -25.15
N GLY H 73 -11.67 33.68 -25.39
CA GLY H 73 -10.95 32.72 -24.57
C GLY H 73 -9.74 32.14 -25.28
N THR H 74 -8.91 31.41 -24.56
CA THR H 74 -7.72 30.79 -25.13
C THR H 74 -7.80 29.27 -24.97
N CYS H 75 -7.29 28.55 -25.97
CA CYS H 75 -7.32 27.10 -25.95
C CYS H 75 -6.17 26.52 -26.76
N ALA H 76 -5.55 25.48 -26.21
CA ALA H 76 -4.44 24.83 -26.90
C ALA H 76 -4.78 23.35 -27.07
N VAL H 77 -4.13 22.74 -28.05
CA VAL H 77 -4.35 21.33 -28.31
C VAL H 77 -3.05 20.57 -28.36
N TYR H 78 -3.09 19.37 -27.80
CA TYR H 78 -1.92 18.54 -27.79
C TYR H 78 -2.21 17.19 -28.42
N LEU H 79 -1.25 16.69 -29.18
CA LEU H 79 -1.35 15.36 -29.75
C LEU H 79 -0.12 14.77 -29.10
N ILE H 80 -0.34 14.04 -28.03
CA ILE H 80 0.75 13.46 -27.27
C ILE H 80 0.92 11.97 -27.46
N CYS H 81 2.15 11.53 -27.62
CA CYS H 81 2.42 10.11 -27.72
C CYS H 81 3.45 9.80 -26.65
N PHE H 82 2.96 9.56 -25.44
CA PHE H 82 3.81 9.26 -24.31
C PHE H 82 4.61 7.99 -24.57
N ASN H 83 5.86 7.96 -24.12
CA ASN H 83 6.68 6.76 -24.32
C ASN H 83 6.02 5.65 -23.50
N THR H 84 5.29 6.06 -22.46
CA THR H 84 4.62 5.11 -21.59
C THR H 84 3.11 5.29 -21.62
N ALA H 85 2.39 4.19 -21.41
CA ALA H 85 0.93 4.22 -21.40
C ALA H 85 0.48 4.98 -20.17
N LYS H 86 -0.62 5.70 -20.29
CA LYS H 86 -1.12 6.47 -19.15
C LYS H 86 -2.63 6.60 -19.23
N SER H 87 -3.30 6.38 -18.11
CA SER H 87 -4.75 6.51 -18.05
C SER H 87 -5.09 7.99 -18.01
N ARG H 88 -6.31 8.37 -18.40
CA ARG H 88 -6.69 9.77 -18.37
C ARG H 88 -6.43 10.27 -16.97
N GLU H 89 -6.70 9.42 -15.98
CA GLU H 89 -6.48 9.73 -14.58
C GLU H 89 -5.10 10.35 -14.48
N THR H 90 -4.10 9.57 -14.90
CA THR H 90 -2.71 10.00 -14.89
C THR H 90 -2.45 11.27 -15.69
N VAL H 91 -2.73 11.24 -16.98
CA VAL H 91 -2.48 12.43 -17.79
C VAL H 91 -3.17 13.67 -17.23
N ARG H 92 -4.35 13.45 -16.66
CA ARG H 92 -5.12 14.53 -16.08
C ARG H 92 -4.24 15.16 -15.00
N ASN H 93 -3.72 14.32 -14.11
CA ASN H 93 -2.84 14.77 -13.03
C ASN H 93 -1.57 15.41 -13.59
N LEU H 94 -0.83 14.66 -14.39
CA LEU H 94 0.40 15.14 -14.98
C LEU H 94 0.25 16.47 -15.66
N MET H 95 -0.67 16.55 -16.61
CA MET H 95 -0.88 17.79 -17.34
C MET H 95 -1.50 18.95 -16.56
N ALA H 96 -2.26 18.60 -15.52
CA ALA H 96 -2.89 19.62 -14.69
C ALA H 96 -1.78 20.45 -14.05
N ASN H 97 -0.97 19.77 -13.24
CA ASN H 97 0.15 20.40 -12.55
C ASN H 97 1.21 20.96 -13.50
N MET H 98 1.42 20.33 -14.65
CA MET H 98 2.42 20.80 -15.59
C MET H 98 2.00 22.12 -16.23
N LEU H 99 0.73 22.21 -16.59
CA LEU H 99 0.22 23.41 -17.22
C LEU H 99 -0.23 24.42 -16.19
N ASN H 100 -0.43 23.95 -14.96
CA ASN H 100 -0.83 24.81 -13.88
C ASN H 100 -2.23 25.33 -14.15
N VAL H 101 -3.20 24.43 -14.03
CA VAL H 101 -4.61 24.73 -14.26
C VAL H 101 -5.40 23.66 -13.50
N ARG H 102 -6.67 23.92 -13.23
CA ARG H 102 -7.50 22.93 -12.53
C ARG H 102 -7.82 21.81 -13.51
N GLU H 103 -7.99 20.59 -12.99
CA GLU H 103 -8.32 19.45 -13.84
C GLU H 103 -9.48 19.87 -14.74
N GLU H 104 -10.29 20.80 -14.23
CA GLU H 104 -11.46 21.30 -14.95
C GLU H 104 -11.11 21.91 -16.30
N CYS H 105 -9.91 22.46 -16.44
CA CYS H 105 -9.53 23.09 -17.71
C CYS H 105 -8.98 22.16 -18.78
N LEU H 106 -9.13 20.86 -18.57
CA LEU H 106 -8.60 19.88 -19.52
C LEU H 106 -9.60 18.92 -20.12
N MET H 107 -9.43 18.66 -21.42
CA MET H 107 -10.26 17.72 -22.15
C MET H 107 -9.32 16.65 -22.71
N LEU H 108 -9.56 15.39 -22.33
CA LEU H 108 -8.71 14.29 -22.75
C LEU H 108 -9.38 13.05 -23.31
N GLN H 109 -9.04 12.74 -24.56
CA GLN H 109 -9.54 11.58 -25.26
C GLN H 109 -8.45 11.17 -26.23
N PRO H 110 -8.34 9.87 -26.51
CA PRO H 110 -7.33 9.38 -27.44
C PRO H 110 -7.68 9.87 -28.83
N PRO H 111 -6.68 10.06 -29.70
CA PRO H 111 -7.00 10.54 -31.04
C PRO H 111 -7.91 9.62 -31.84
N LYS H 112 -8.45 10.17 -32.92
CA LYS H 112 -9.30 9.42 -33.84
C LYS H 112 -8.27 9.05 -34.90
N ILE H 113 -7.66 7.89 -34.74
CA ILE H 113 -6.61 7.43 -35.64
C ILE H 113 -7.08 7.02 -37.04
N ARG H 114 -8.18 6.29 -37.13
CA ARG H 114 -8.71 5.83 -38.41
C ARG H 114 -9.79 6.78 -38.95
N GLY H 115 -9.44 7.58 -39.96
CA GLY H 115 -10.40 8.52 -40.52
C GLY H 115 -9.83 9.78 -41.15
N LEU H 116 -9.35 9.66 -42.39
CA LEU H 116 -8.73 10.77 -43.13
C LEU H 116 -9.05 12.19 -42.72
N SER H 117 -10.32 12.48 -42.50
CA SER H 117 -10.72 13.83 -42.11
C SER H 117 -9.81 14.26 -40.97
N ALA H 118 -10.06 13.69 -39.79
CA ALA H 118 -9.27 14.00 -38.60
C ALA H 118 -7.78 13.91 -38.90
N ALA H 119 -7.36 12.75 -39.40
CA ALA H 119 -5.97 12.54 -39.73
C ALA H 119 -5.39 13.78 -40.44
N LEU H 120 -6.23 14.49 -41.18
CA LEU H 120 -5.76 15.67 -41.88
C LEU H 120 -5.57 16.85 -40.92
N PHE H 121 -6.40 16.89 -39.88
CA PHE H 121 -6.34 17.97 -38.87
C PHE H 121 -4.91 18.27 -38.50
N TRP H 122 -4.21 17.24 -38.03
CA TRP H 122 -2.83 17.37 -37.64
C TRP H 122 -2.01 17.74 -38.86
N PHE H 123 -2.32 17.12 -40.00
CA PHE H 123 -1.58 17.46 -41.20
C PHE H 123 -1.64 18.97 -41.41
N LYS H 124 -2.86 19.50 -41.56
CA LYS H 124 -3.04 20.93 -41.75
C LYS H 124 -2.26 21.68 -40.69
N SER H 125 -2.50 21.31 -39.43
CA SER H 125 -1.84 21.95 -38.29
C SER H 125 -0.33 21.92 -38.45
N SER H 126 0.19 20.83 -38.97
CA SER H 126 1.64 20.71 -39.14
C SER H 126 2.10 21.60 -40.27
N LEU H 127 1.23 22.48 -40.74
CA LEU H 127 1.60 23.36 -41.83
C LEU H 127 1.82 24.81 -41.41
N SER H 128 1.49 25.12 -40.17
CA SER H 128 1.69 26.48 -39.66
C SER H 128 3.03 26.52 -38.92
N PRO H 129 3.81 27.57 -39.13
CA PRO H 129 5.11 27.67 -38.46
C PRO H 129 4.97 27.93 -36.96
N ALA H 130 3.83 28.50 -36.56
CA ALA H 130 3.58 28.80 -35.15
C ALA H 130 3.13 27.56 -34.40
N THR H 131 3.67 26.41 -34.79
CA THR H 131 3.32 25.15 -34.17
C THR H 131 4.56 24.42 -33.70
N LEU H 132 4.43 23.69 -32.60
CA LEU H 132 5.54 22.95 -32.02
C LEU H 132 5.52 21.50 -32.47
N LYS H 133 6.59 21.09 -33.16
CA LYS H 133 6.70 19.73 -33.65
C LYS H 133 7.80 18.98 -32.93
N HIS H 134 7.70 17.66 -32.90
CA HIS H 134 8.71 16.82 -32.26
C HIS H 134 8.51 15.34 -32.54
N GLY H 135 9.54 14.74 -33.15
CA GLY H 135 9.49 13.32 -33.43
C GLY H 135 8.95 12.94 -34.79
N ALA H 136 9.06 11.66 -35.10
CA ALA H 136 8.58 11.12 -36.36
C ALA H 136 7.07 11.11 -36.40
N LEU H 137 6.51 11.89 -37.34
CA LEU H 137 5.07 11.96 -37.51
C LEU H 137 4.55 10.52 -37.56
N PRO H 138 3.54 10.22 -36.72
CA PRO H 138 2.84 8.93 -36.53
C PRO H 138 2.44 8.20 -37.78
N GLU H 139 2.63 6.88 -37.78
CA GLU H 139 2.26 6.08 -38.93
C GLU H 139 0.84 6.42 -39.35
N TRP H 140 -0.12 6.16 -38.47
CA TRP H 140 -1.51 6.46 -38.79
C TRP H 140 -1.70 7.82 -39.43
N ILE H 141 -1.15 8.87 -38.84
CA ILE H 141 -1.32 10.18 -39.46
C ILE H 141 -0.62 10.20 -40.82
N ARG H 142 0.58 9.63 -40.93
CA ARG H 142 1.30 9.65 -42.20
C ARG H 142 0.56 8.88 -43.29
N ALA H 143 0.32 7.60 -43.07
CA ALA H 143 -0.37 6.77 -44.06
C ALA H 143 -1.57 7.49 -44.67
N GLN H 144 -2.64 7.61 -43.88
CA GLN H 144 -3.87 8.25 -44.33
C GLN H 144 -3.70 9.59 -45.06
N THR H 145 -2.50 10.15 -45.08
CA THR H 145 -2.32 11.42 -45.77
C THR H 145 -1.20 11.45 -46.82
N THR H 146 -0.77 10.29 -47.30
CA THR H 146 0.27 10.28 -48.32
C THR H 146 -0.09 9.26 -49.40
N LEU H 147 0.29 9.55 -50.64
CA LEU H 147 0.01 8.71 -51.80
C LEU H 147 0.59 7.30 -51.76
N ASN H 148 -0.26 6.31 -51.50
CA ASN H 148 0.15 4.92 -51.43
C ASN H 148 -0.85 4.03 -52.17
N ALA I 4 7.51 7.30 22.86
CA ALA I 4 6.91 8.32 21.96
C ALA I 4 6.44 9.52 22.75
N THR I 5 6.22 9.30 24.05
CA THR I 5 5.78 10.36 24.94
C THR I 5 6.74 11.52 24.81
N VAL I 6 8.02 11.20 24.76
CA VAL I 6 9.06 12.20 24.63
C VAL I 6 8.59 13.31 23.68
N PHE I 7 8.03 12.92 22.54
CA PHE I 7 7.54 13.90 21.57
C PHE I 7 6.28 14.58 22.02
N LYS I 8 5.25 13.80 22.33
CA LYS I 8 3.99 14.36 22.79
C LYS I 8 4.37 15.50 23.74
N LEU I 9 5.12 15.15 24.78
CA LEU I 9 5.57 16.11 25.77
C LEU I 9 6.27 17.32 25.18
N GLY I 10 7.35 17.05 24.45
CA GLY I 10 8.12 18.13 23.83
C GLY I 10 7.26 19.08 23.02
N LEU I 11 6.31 18.52 22.28
CA LEU I 11 5.40 19.32 21.46
C LEU I 11 4.47 20.15 22.33
N PHE I 12 4.06 19.59 23.46
CA PHE I 12 3.18 20.30 24.36
C PHE I 12 3.88 21.55 24.83
N LYS I 13 5.13 21.37 25.26
CA LYS I 13 5.94 22.48 25.76
C LYS I 13 6.06 23.59 24.71
N SER I 14 6.76 23.30 23.61
CA SER I 14 6.95 24.29 22.54
C SER I 14 5.64 24.96 22.17
N LEU I 15 4.53 24.26 22.38
CA LEU I 15 3.24 24.80 22.04
C LEU I 15 2.53 25.55 23.17
N PHE I 16 2.76 25.12 24.40
CA PHE I 16 2.11 25.75 25.54
C PHE I 16 3.04 26.45 26.54
N LEU I 17 4.32 26.45 26.24
CA LEU I 17 5.31 27.12 27.08
C LEU I 17 5.41 26.59 28.50
N CYS I 18 5.16 25.30 28.68
CA CYS I 18 5.27 24.68 29.99
C CYS I 18 5.14 23.18 29.84
N SER I 19 5.66 22.44 30.82
CA SER I 19 5.58 20.99 30.77
C SER I 19 4.18 20.48 31.06
N PHE I 20 3.83 19.37 30.45
CA PHE I 20 2.53 18.79 30.65
C PHE I 20 2.44 18.40 32.13
N HIS I 21 3.57 17.98 32.68
CA HIS I 21 3.65 17.56 34.08
C HIS I 21 3.25 18.71 34.98
N ASP I 22 3.67 19.92 34.60
CA ASP I 22 3.40 21.11 35.38
C ASP I 22 1.92 21.31 35.70
N ILE I 23 1.02 20.74 34.91
CA ILE I 23 -0.41 20.94 35.15
C ILE I 23 -1.21 19.73 35.59
N THR I 24 -0.56 18.59 35.70
CA THR I 24 -1.24 17.37 36.06
C THR I 24 -0.53 16.57 37.13
N ARG I 25 -1.24 15.65 37.77
CA ARG I 25 -0.63 14.79 38.78
C ARG I 25 -0.65 13.37 38.24
N LEU I 26 0.34 12.56 38.60
CA LEU I 26 0.39 11.20 38.08
C LEU I 26 -0.55 10.14 38.67
N PHE I 27 -1.01 9.26 37.78
CA PHE I 27 -1.89 8.11 38.06
C PHE I 27 -1.18 6.97 37.35
N LYS I 28 -0.45 6.14 38.09
CA LYS I 28 0.27 5.07 37.44
C LYS I 28 -0.62 3.92 36.97
N ASN I 29 -1.90 3.92 37.36
CA ASN I 29 -2.79 2.84 36.95
C ASN I 29 -3.88 3.30 35.99
N ASP I 30 -3.97 2.65 34.84
CA ASP I 30 -4.98 3.05 33.88
C ASP I 30 -6.41 2.74 34.30
N LYS I 31 -6.60 1.77 35.18
CA LYS I 31 -7.94 1.40 35.62
C LYS I 31 -8.50 2.30 36.73
N THR I 32 -7.68 3.19 37.26
CA THR I 32 -8.10 4.08 38.34
C THR I 32 -9.08 5.15 37.88
N THR I 33 -10.29 5.12 38.45
CA THR I 33 -11.36 6.05 38.09
C THR I 33 -11.24 7.45 38.67
N ASN I 34 -11.57 8.46 37.85
CA ASN I 34 -11.53 9.84 38.28
C ASN I 34 -12.50 10.72 37.49
N GLN I 35 -12.94 11.82 38.10
CA GLN I 35 -13.87 12.72 37.46
C GLN I 35 -13.17 13.76 36.62
N GLN I 36 -12.15 14.37 37.19
CA GLN I 36 -11.42 15.39 36.47
C GLN I 36 -10.27 14.86 35.65
N TRP I 37 -10.16 15.37 34.42
CA TRP I 37 -9.08 14.95 33.54
C TRP I 37 -8.48 16.07 32.69
N VAL I 38 -7.19 15.91 32.42
CA VAL I 38 -6.46 16.85 31.58
C VAL I 38 -6.16 16.05 30.33
N LEU I 39 -6.49 16.60 29.18
CA LEU I 39 -6.25 15.87 27.94
C LEU I 39 -5.49 16.70 26.92
N ALA I 40 -4.44 16.11 26.37
CA ALA I 40 -3.64 16.77 25.35
C ALA I 40 -3.84 15.89 24.13
N VAL I 41 -4.33 16.48 23.04
CA VAL I 41 -4.58 15.73 21.83
C VAL I 41 -3.75 16.27 20.67
N PHE I 42 -3.00 15.37 20.06
CA PHE I 42 -2.14 15.73 18.95
C PHE I 42 -2.67 15.32 17.59
N GLY I 43 -2.73 16.27 16.66
CA GLY I 43 -3.22 15.97 15.33
C GLY I 43 -4.73 16.07 15.23
N LEU I 44 -5.30 16.85 16.13
CA LEU I 44 -6.74 17.04 16.18
C LEU I 44 -7.27 17.79 14.96
N ALA I 45 -8.40 17.32 14.43
CA ALA I 45 -9.02 17.95 13.27
C ALA I 45 -9.99 19.03 13.72
N GLU I 46 -9.89 20.21 13.11
CA GLU I 46 -10.76 21.33 13.47
C GLU I 46 -12.19 20.90 13.76
N VAL I 47 -12.82 20.27 12.77
CA VAL I 47 -14.19 19.83 12.91
C VAL I 47 -14.45 18.99 14.14
N PHE I 48 -13.57 18.04 14.42
CA PHE I 48 -13.75 17.22 15.60
C PHE I 48 -13.60 18.07 16.85
N PHE I 49 -12.52 18.84 16.93
CA PHE I 49 -12.32 19.71 18.08
C PHE I 49 -13.63 20.47 18.35
N GLU I 50 -14.23 21.02 17.29
CA GLU I 50 -15.47 21.76 17.45
C GLU I 50 -16.54 20.86 18.03
N ALA I 51 -16.76 19.72 17.37
CA ALA I 51 -17.76 18.78 17.81
C ALA I 51 -17.56 18.39 19.26
N SER I 52 -16.39 17.82 19.53
CA SER I 52 -16.04 17.37 20.87
C SER I 52 -16.58 18.31 21.92
N PHE I 53 -16.50 19.61 21.66
CA PHE I 53 -16.99 20.56 22.63
C PHE I 53 -18.46 20.32 22.93
N GLU I 54 -19.28 20.49 21.90
CA GLU I 54 -20.72 20.31 22.00
C GLU I 54 -21.06 18.96 22.64
N LEU I 55 -20.31 17.94 22.25
CA LEU I 55 -20.56 16.61 22.77
C LEU I 55 -20.26 16.41 24.24
N LEU I 56 -19.08 16.85 24.66
CA LEU I 56 -18.66 16.72 26.04
C LEU I 56 -19.54 17.53 26.99
N LYS I 57 -20.07 18.65 26.50
CA LYS I 57 -20.93 19.48 27.34
C LYS I 57 -21.96 18.57 27.99
N LYS I 58 -22.63 17.76 27.16
CA LYS I 58 -23.66 16.85 27.63
C LYS I 58 -23.30 15.95 28.81
N GLN I 59 -22.03 15.91 29.19
CA GLN I 59 -21.65 15.04 30.31
C GLN I 59 -20.48 15.53 31.16
N CYS I 60 -20.29 16.84 31.21
CA CYS I 60 -19.23 17.42 32.01
C CYS I 60 -19.81 18.56 32.82
N SER I 61 -19.48 18.61 34.11
CA SER I 61 -19.97 19.67 34.97
C SER I 61 -19.22 20.91 34.52
N PHE I 62 -17.98 20.69 34.08
CA PHE I 62 -17.11 21.76 33.61
C PHE I 62 -16.23 21.24 32.48
N LEU I 63 -15.86 22.13 31.57
CA LEU I 63 -15.02 21.76 30.45
C LEU I 63 -14.38 23.00 29.87
N GLN I 64 -13.07 22.94 29.69
CA GLN I 64 -12.34 24.06 29.10
C GLN I 64 -11.46 23.53 27.97
N MET I 65 -11.78 23.90 26.75
CA MET I 65 -10.99 23.42 25.62
C MET I 65 -10.14 24.48 25.00
N GLN I 66 -8.93 24.10 24.62
CA GLN I 66 -7.98 25.03 24.07
C GLN I 66 -7.16 24.35 22.98
N LYS I 67 -7.04 24.99 21.83
CA LYS I 67 -6.28 24.41 20.73
C LYS I 67 -5.23 25.39 20.22
N ARG I 68 -4.00 24.92 20.03
CA ARG I 68 -2.91 25.76 19.52
C ARG I 68 -2.15 24.96 18.47
N SER I 69 -1.35 25.63 17.63
CA SER I 69 -0.60 24.92 16.61
C SER I 69 0.39 25.75 15.80
N HIS I 70 1.19 25.05 14.99
CA HIS I 70 2.18 25.65 14.12
C HIS I 70 2.71 24.57 13.16
N GLU I 71 3.68 24.91 12.32
CA GLU I 71 4.22 23.96 11.35
C GLU I 71 4.71 22.65 11.94
N GLY I 72 5.47 22.73 13.03
CA GLY I 72 6.01 21.54 13.66
C GLY I 72 5.00 20.57 14.24
N GLY I 73 3.81 21.07 14.56
CA GLY I 73 2.78 20.22 15.12
C GLY I 73 1.59 21.00 15.63
N THR I 74 0.56 20.28 16.03
CA THR I 74 -0.66 20.89 16.55
C THR I 74 -1.10 20.10 17.78
N CYS I 75 -1.57 20.81 18.79
CA CYS I 75 -2.00 20.17 20.01
C CYS I 75 -3.14 20.93 20.67
N ALA I 76 -3.96 20.20 21.42
CA ALA I 76 -5.08 20.81 22.12
C ALA I 76 -5.15 20.25 23.51
N VAL I 77 -5.48 21.09 24.49
CA VAL I 77 -5.59 20.60 25.86
C VAL I 77 -7.01 20.74 26.35
N TYR I 78 -7.45 19.72 27.07
CA TYR I 78 -8.80 19.68 27.61
C TYR I 78 -8.75 19.53 29.13
N LEU I 79 -9.52 20.34 29.83
CA LEU I 79 -9.62 20.18 31.28
C LEU I 79 -11.06 19.71 31.42
N ILE I 80 -11.24 18.40 31.46
CA ILE I 80 -12.57 17.82 31.52
C ILE I 80 -12.98 17.53 32.94
N CYS I 81 -14.29 17.57 33.17
CA CYS I 81 -14.87 17.27 34.47
C CYS I 81 -16.14 16.48 34.27
N PHE I 82 -15.97 15.18 34.02
CA PHE I 82 -17.10 14.28 33.77
C PHE I 82 -18.02 14.23 34.97
N ASN I 83 -19.32 14.26 34.73
CA ASN I 83 -20.27 14.18 35.84
C ASN I 83 -20.05 12.85 36.52
N THR I 84 -19.42 11.91 35.82
CA THR I 84 -19.18 10.58 36.37
C THR I 84 -17.72 10.09 36.30
N ALA I 85 -17.24 9.54 37.41
CA ALA I 85 -15.87 9.06 37.49
C ALA I 85 -15.52 8.10 36.36
N LYS I 86 -14.41 8.37 35.66
CA LYS I 86 -13.94 7.52 34.54
C LYS I 86 -12.46 7.15 34.63
N SER I 87 -12.16 5.90 34.30
CA SER I 87 -10.78 5.41 34.30
C SER I 87 -10.07 6.02 33.10
N ARG I 88 -8.73 5.96 33.08
CA ARG I 88 -8.02 6.51 31.93
C ARG I 88 -8.46 5.75 30.71
N GLU I 89 -8.62 4.43 30.86
CA GLU I 89 -9.08 3.64 29.73
C GLU I 89 -10.36 4.28 29.24
N THR I 90 -11.46 4.07 29.95
CA THR I 90 -12.73 4.65 29.53
C THR I 90 -12.55 5.99 28.86
N VAL I 91 -11.91 6.94 29.54
CA VAL I 91 -11.72 8.27 28.98
C VAL I 91 -11.03 8.15 27.65
N ARG I 92 -9.94 7.41 27.66
CA ARG I 92 -9.16 7.18 26.47
C ARG I 92 -10.05 6.65 25.34
N ASN I 93 -10.63 5.46 25.52
CA ASN I 93 -11.52 4.88 24.50
C ASN I 93 -12.52 5.93 23.99
N LEU I 94 -13.29 6.50 24.90
CA LEU I 94 -14.28 7.52 24.55
C LEU I 94 -13.71 8.60 23.67
N MET I 95 -12.63 9.20 24.11
CA MET I 95 -12.04 10.29 23.35
C MET I 95 -11.30 9.89 22.09
N ALA I 96 -10.55 8.80 22.15
CA ALA I 96 -9.82 8.36 20.98
C ALA I 96 -10.80 8.31 19.82
N ASN I 97 -12.04 7.99 20.14
CA ASN I 97 -13.07 7.90 19.12
C ASN I 97 -13.76 9.23 18.81
N MET I 98 -14.34 9.86 19.81
CA MET I 98 -15.01 11.15 19.62
C MET I 98 -14.17 12.14 18.83
N LEU I 99 -12.85 12.05 19.00
CA LEU I 99 -11.94 12.96 18.31
C LEU I 99 -11.41 12.41 17.00
N ASN I 100 -11.39 11.08 16.88
CA ASN I 100 -10.94 10.45 15.66
C ASN I 100 -9.43 10.53 15.50
N VAL I 101 -8.72 10.00 16.49
CA VAL I 101 -7.26 9.97 16.51
C VAL I 101 -6.89 8.64 17.16
N ARG I 102 -5.78 8.03 16.74
CA ARG I 102 -5.40 6.77 17.37
C ARG I 102 -5.16 7.08 18.85
N GLU I 103 -5.29 6.08 19.73
CA GLU I 103 -5.09 6.31 21.15
C GLU I 103 -3.75 7.00 21.37
N GLU I 104 -2.75 6.53 20.62
CA GLU I 104 -1.39 7.05 20.70
C GLU I 104 -1.28 8.57 20.60
N CYS I 105 -2.31 9.24 20.08
CA CYS I 105 -2.29 10.69 19.96
C CYS I 105 -2.90 11.35 21.18
N LEU I 106 -3.03 10.59 22.26
CA LEU I 106 -3.62 11.11 23.48
C LEU I 106 -2.65 11.12 24.65
N MET I 107 -2.92 12.01 25.61
CA MET I 107 -2.15 12.12 26.84
C MET I 107 -3.19 12.43 27.89
N LEU I 108 -3.33 11.50 28.84
CA LEU I 108 -4.31 11.65 29.89
C LEU I 108 -3.78 11.49 31.30
N GLN I 109 -3.93 12.54 32.10
CA GLN I 109 -3.49 12.50 33.49
C GLN I 109 -4.40 13.43 34.27
N PRO I 110 -4.70 13.07 35.52
CA PRO I 110 -5.57 13.93 36.33
C PRO I 110 -4.85 15.24 36.63
N PRO I 111 -5.59 16.34 36.66
CA PRO I 111 -5.07 17.68 36.92
C PRO I 111 -4.27 17.81 38.20
N LYS I 112 -3.50 18.89 38.30
CA LYS I 112 -2.70 19.18 39.47
C LYS I 112 -3.58 20.18 40.22
N ILE I 113 -4.19 19.76 41.33
CA ILE I 113 -5.07 20.67 42.06
C ILE I 113 -4.35 21.62 43.02
N ARG I 114 -3.60 21.07 43.98
CA ARG I 114 -2.85 21.90 44.92
C ARG I 114 -1.62 22.43 44.16
N GLY I 115 -1.69 23.67 43.69
CA GLY I 115 -0.58 24.26 42.97
C GLY I 115 -1.03 25.54 42.26
N LEU I 116 -0.38 26.66 42.58
CA LEU I 116 -0.78 27.93 41.99
C LEU I 116 -0.32 28.08 40.55
N SER I 117 0.91 27.64 40.27
CA SER I 117 1.42 27.73 38.92
C SER I 117 0.40 27.05 38.02
N ALA I 118 -0.13 25.92 38.50
CA ALA I 118 -1.11 25.15 37.77
C ALA I 118 -2.43 25.90 37.63
N ALA I 119 -2.95 26.37 38.76
CA ALA I 119 -4.23 27.09 38.75
C ALA I 119 -4.22 28.22 37.74
N LEU I 120 -3.11 28.94 37.71
CA LEU I 120 -2.99 30.07 36.83
C LEU I 120 -2.99 29.66 35.37
N PHE I 121 -2.58 28.43 35.08
CA PHE I 121 -2.58 27.96 33.70
C PHE I 121 -4.02 27.98 33.19
N TRP I 122 -4.91 27.36 33.96
CA TRP I 122 -6.31 27.29 33.62
C TRP I 122 -6.92 28.67 33.61
N PHE I 123 -6.57 29.47 34.62
CA PHE I 123 -7.10 30.83 34.70
C PHE I 123 -6.64 31.63 33.49
N LYS I 124 -5.34 31.59 33.21
CA LYS I 124 -4.81 32.33 32.08
C LYS I 124 -5.58 31.94 30.84
N SER I 125 -5.71 30.64 30.62
CA SER I 125 -6.44 30.16 29.46
C SER I 125 -7.81 30.81 29.40
N SER I 126 -8.64 30.53 30.40
CA SER I 126 -9.98 31.09 30.46
C SER I 126 -10.06 32.56 30.12
N LEU I 127 -8.91 33.25 30.11
CA LEU I 127 -8.90 34.68 29.78
C LEU I 127 -8.96 34.91 28.28
N SER I 128 -8.37 34.01 27.51
CA SER I 128 -8.37 34.13 26.05
C SER I 128 -9.78 33.85 25.51
N PRO I 129 -10.16 34.51 24.41
CA PRO I 129 -11.48 34.31 23.84
C PRO I 129 -11.61 32.97 23.09
N ALA I 130 -10.61 32.68 22.25
CA ALA I 130 -10.58 31.45 21.45
C ALA I 130 -10.95 30.21 22.25
N THR I 131 -10.54 30.19 23.52
CA THR I 131 -10.82 29.09 24.41
C THR I 131 -12.31 28.85 24.54
N LEU I 132 -12.73 27.62 24.26
CA LEU I 132 -14.15 27.26 24.39
C LEU I 132 -14.32 26.95 25.86
N LYS I 133 -15.29 27.61 26.49
CA LYS I 133 -15.50 27.39 27.91
C LYS I 133 -16.93 26.99 28.17
N HIS I 134 -17.12 26.18 29.20
CA HIS I 134 -18.46 25.74 29.61
C HIS I 134 -18.43 25.27 31.04
N GLY I 135 -19.25 25.89 31.88
CA GLY I 135 -19.33 25.52 33.27
C GLY I 135 -18.73 26.54 34.21
N ALA I 136 -18.98 26.36 35.51
CA ALA I 136 -18.46 27.26 36.52
C ALA I 136 -17.04 26.86 36.89
N LEU I 137 -16.08 27.74 36.56
CA LEU I 137 -14.66 27.50 36.85
C LEU I 137 -14.56 26.72 38.17
N PRO I 138 -13.89 25.56 38.15
CA PRO I 138 -13.73 24.71 39.33
C PRO I 138 -13.31 25.43 40.61
N GLU I 139 -13.68 24.84 41.75
CA GLU I 139 -13.36 25.37 43.07
C GLU I 139 -11.84 25.55 43.23
N TRP I 140 -11.12 24.43 43.28
CA TRP I 140 -9.68 24.44 43.46
C TRP I 140 -8.91 25.46 42.62
N ILE I 141 -9.44 25.91 41.50
CA ILE I 141 -8.69 26.87 40.73
C ILE I 141 -8.93 28.27 41.26
N ARG I 142 -10.18 28.58 41.61
CA ARG I 142 -10.53 29.91 42.13
C ARG I 142 -9.88 30.09 43.49
N ALA I 143 -10.22 29.20 44.42
CA ALA I 143 -9.69 29.23 45.76
C ALA I 143 -8.20 29.52 45.80
N GLN I 144 -7.49 29.23 44.70
CA GLN I 144 -6.06 29.46 44.65
C GLN I 144 -5.64 30.70 43.86
N THR I 145 -6.58 31.26 43.10
CA THR I 145 -6.29 32.44 42.30
C THR I 145 -7.15 33.66 42.67
N THR I 146 -7.55 33.74 43.94
CA THR I 146 -8.37 34.85 44.39
C THR I 146 -7.72 35.60 45.55
N LEU I 147 -7.91 36.92 45.58
CA LEU I 147 -7.34 37.76 46.64
C LEU I 147 -7.98 37.47 48.00
N ASN I 148 -7.39 36.54 48.74
CA ASN I 148 -7.88 36.18 50.05
C ASN I 148 -7.67 37.31 51.04
N ALA J 4 -8.54 -32.28 41.14
CA ALA J 4 -7.31 -32.70 40.39
C ALA J 4 -6.42 -31.50 40.09
N THR J 5 -6.90 -30.30 40.39
CA THR J 5 -6.14 -29.07 40.17
C THR J 5 -4.75 -29.29 40.77
N VAL J 6 -4.72 -29.99 41.90
CA VAL J 6 -3.48 -30.28 42.58
C VAL J 6 -2.59 -31.15 41.70
N PHE J 7 -3.20 -32.11 41.03
CA PHE J 7 -2.45 -33.00 40.14
C PHE J 7 -1.90 -32.20 38.98
N LYS J 8 -2.52 -31.04 38.71
CA LYS J 8 -2.09 -30.15 37.64
C LYS J 8 -0.85 -29.45 38.16
N LEU J 9 -1.09 -28.60 39.15
CA LEU J 9 -0.05 -27.83 39.80
C LEU J 9 1.17 -28.70 39.93
N GLY J 10 0.97 -29.90 40.47
CA GLY J 10 2.06 -30.83 40.65
C GLY J 10 2.71 -31.14 39.31
N LEU J 11 1.88 -31.51 38.33
CA LEU J 11 2.37 -31.83 37.00
C LEU J 11 3.16 -30.66 36.41
N PHE J 12 2.60 -29.46 36.59
CA PHE J 12 3.24 -28.25 36.11
C PHE J 12 4.58 -28.12 36.79
N LYS J 13 4.56 -28.26 38.12
CA LYS J 13 5.75 -28.18 38.95
C LYS J 13 6.73 -29.24 38.48
N SER J 14 6.21 -30.45 38.33
CA SER J 14 7.00 -31.58 37.89
C SER J 14 7.64 -31.25 36.54
N LEU J 15 6.88 -30.55 35.71
CA LEU J 15 7.32 -30.19 34.36
C LEU J 15 8.17 -28.93 34.21
N PHE J 16 7.89 -27.92 35.01
CA PHE J 16 8.64 -26.67 34.91
C PHE J 16 9.56 -26.41 36.09
N LEU J 17 9.38 -27.18 37.15
CA LEU J 17 10.22 -27.09 38.34
C LEU J 17 9.97 -25.86 39.21
N CYS J 18 8.71 -25.51 39.43
CA CYS J 18 8.38 -24.36 40.27
C CYS J 18 6.89 -24.12 40.29
N SER J 19 6.30 -24.02 41.48
CA SER J 19 4.87 -23.83 41.59
C SER J 19 4.31 -22.82 40.60
N PHE J 20 3.16 -23.17 40.04
CA PHE J 20 2.46 -22.33 39.09
C PHE J 20 2.19 -21.01 39.83
N HIS J 21 2.03 -21.12 41.14
CA HIS J 21 1.78 -19.96 42.01
C HIS J 21 2.93 -18.97 42.01
N ASP J 22 4.15 -19.46 41.81
CA ASP J 22 5.34 -18.61 41.82
C ASP J 22 5.41 -17.61 40.66
N ILE J 23 4.46 -17.67 39.72
CA ILE J 23 4.48 -16.73 38.60
C ILE J 23 3.15 -16.05 38.30
N THR J 24 2.14 -16.31 39.12
CA THR J 24 0.83 -15.74 38.86
C THR J 24 0.17 -15.06 40.07
N ARG J 25 -0.50 -13.92 39.87
CA ARG J 25 -1.17 -13.25 40.98
C ARG J 25 -2.64 -13.67 41.06
N LEU J 26 -3.13 -13.85 42.29
CA LEU J 26 -4.52 -14.29 42.54
C LEU J 26 -5.61 -13.38 42.00
N PHE J 27 -6.63 -13.99 41.44
CA PHE J 27 -7.79 -13.30 40.86
C PHE J 27 -8.93 -14.24 41.26
N LYS J 28 -9.65 -13.94 42.33
CA LYS J 28 -10.70 -14.88 42.72
C LYS J 28 -12.02 -14.75 42.01
N ASN J 29 -12.06 -13.99 40.92
CA ASN J 29 -13.32 -13.87 40.19
C ASN J 29 -13.18 -14.11 38.70
N ASP J 30 -13.88 -15.13 38.21
CA ASP J 30 -13.81 -15.46 36.80
C ASP J 30 -14.34 -14.31 35.92
N LYS J 31 -15.12 -13.41 36.51
CA LYS J 31 -15.68 -12.28 35.76
C LYS J 31 -14.74 -11.07 35.76
N THR J 32 -13.64 -11.15 36.52
CA THR J 32 -12.65 -10.07 36.59
C THR J 32 -11.86 -10.09 35.32
N THR J 33 -11.87 -8.97 34.58
CA THR J 33 -11.17 -8.90 33.28
C THR J 33 -9.75 -8.34 33.34
N ASN J 34 -8.92 -8.80 32.42
CA ASN J 34 -7.57 -8.30 32.36
C ASN J 34 -6.97 -8.54 30.98
N GLN J 35 -5.94 -7.77 30.64
CA GLN J 35 -5.28 -7.92 29.36
C GLN J 35 -4.30 -9.09 29.38
N GLN J 36 -3.48 -9.14 30.43
CA GLN J 36 -2.48 -10.19 30.54
C GLN J 36 -2.92 -11.40 31.33
N TRP J 37 -2.58 -12.58 30.81
CA TRP J 37 -2.93 -13.83 31.46
C TRP J 37 -1.83 -14.86 31.33
N VAL J 38 -1.85 -15.81 32.25
CA VAL J 38 -0.90 -16.90 32.25
C VAL J 38 -1.74 -18.15 32.13
N LEU J 39 -1.44 -18.93 31.10
CA LEU J 39 -2.17 -20.15 30.81
C LEU J 39 -1.35 -21.41 30.91
N ALA J 40 -1.92 -22.39 31.60
CA ALA J 40 -1.28 -23.69 31.76
C ALA J 40 -2.28 -24.62 31.10
N VAL J 41 -1.84 -25.29 30.02
CA VAL J 41 -2.72 -26.21 29.31
C VAL J 41 -2.19 -27.62 29.41
N PHE J 42 -3.09 -28.56 29.65
CA PHE J 42 -2.71 -29.95 29.79
C PHE J 42 -3.26 -30.89 28.74
N GLY J 43 -2.40 -31.72 28.16
CA GLY J 43 -2.82 -32.67 27.15
C GLY J 43 -3.04 -32.00 25.81
N LEU J 44 -2.18 -31.04 25.52
CA LEU J 44 -2.28 -30.28 24.30
C LEU J 44 -1.70 -31.00 23.10
N ALA J 45 -2.53 -31.12 22.06
CA ALA J 45 -2.13 -31.77 20.82
C ALA J 45 -1.01 -30.95 20.17
N GLU J 46 0.05 -31.63 19.74
CA GLU J 46 1.16 -30.94 19.11
C GLU J 46 0.68 -29.85 18.17
N VAL J 47 -0.12 -30.22 17.18
CA VAL J 47 -0.64 -29.28 16.20
C VAL J 47 -1.32 -28.04 16.79
N PHE J 48 -2.35 -28.26 17.60
CA PHE J 48 -3.06 -27.15 18.22
C PHE J 48 -2.15 -26.16 18.91
N PHE J 49 -1.07 -26.64 19.50
CA PHE J 49 -0.15 -25.71 20.15
C PHE J 49 0.39 -24.84 19.02
N GLU J 50 1.00 -25.46 18.01
CA GLU J 50 1.56 -24.72 16.90
C GLU J 50 0.56 -23.73 16.32
N ALA J 51 -0.70 -24.15 16.19
CA ALA J 51 -1.73 -23.30 15.60
C ALA J 51 -2.06 -22.06 16.44
N SER J 52 -2.42 -22.30 17.69
CA SER J 52 -2.78 -21.24 18.62
C SER J 52 -1.82 -20.07 18.57
N PHE J 53 -0.54 -20.38 18.43
CA PHE J 53 0.47 -19.34 18.37
C PHE J 53 0.23 -18.39 17.20
N GLU J 54 0.17 -18.93 16.00
CA GLU J 54 -0.04 -18.10 14.82
C GLU J 54 -1.38 -17.36 14.87
N LEU J 55 -2.34 -17.99 15.52
CA LEU J 55 -3.69 -17.45 15.65
C LEU J 55 -3.82 -16.33 16.66
N LEU J 56 -3.16 -16.48 17.80
CA LEU J 56 -3.23 -15.45 18.83
C LEU J 56 -2.57 -14.16 18.37
N LYS J 57 -1.47 -14.30 17.63
CA LYS J 57 -0.75 -13.13 17.12
C LYS J 57 -1.72 -12.06 16.63
N LYS J 58 -2.83 -12.49 16.03
CA LYS J 58 -3.81 -11.55 15.51
C LYS J 58 -4.42 -10.68 16.58
N GLN J 59 -4.43 -11.17 17.82
CA GLN J 59 -5.05 -10.39 18.89
C GLN J 59 -4.24 -10.14 20.16
N CYS J 60 -2.91 -10.26 20.09
CA CYS J 60 -2.06 -10.01 21.26
C CYS J 60 -0.94 -9.03 20.95
N SER J 61 -0.58 -8.23 21.94
CA SER J 61 0.49 -7.26 21.76
C SER J 61 1.80 -7.93 22.10
N PHE J 62 1.72 -8.99 22.89
CA PHE J 62 2.90 -9.76 23.30
C PHE J 62 2.46 -11.17 23.64
N LEU J 63 3.26 -12.13 23.22
CA LEU J 63 2.93 -13.52 23.44
C LEU J 63 4.16 -14.40 23.61
N GLN J 64 4.18 -15.25 24.64
CA GLN J 64 5.32 -16.17 24.82
C GLN J 64 4.83 -17.57 25.15
N MET J 65 5.24 -18.53 24.33
CA MET J 65 4.81 -19.92 24.52
C MET J 65 5.92 -20.93 24.68
N GLN J 66 5.72 -21.82 25.66
CA GLN J 66 6.66 -22.90 25.96
C GLN J 66 5.83 -24.16 26.22
N LYS J 67 6.34 -25.30 25.78
CA LYS J 67 5.62 -26.56 25.96
C LYS J 67 6.56 -27.69 26.39
N ARG J 68 6.29 -28.28 27.55
CA ARG J 68 7.12 -29.37 28.06
C ARG J 68 6.33 -30.64 28.34
N SER J 69 7.04 -31.77 28.34
CA SER J 69 6.39 -33.06 28.57
C SER J 69 7.37 -34.21 28.82
N HIS J 70 6.84 -35.32 29.30
CA HIS J 70 7.63 -36.51 29.58
C HIS J 70 6.70 -37.71 29.77
N GLU J 71 7.21 -38.81 30.29
CA GLU J 71 6.40 -40.01 30.48
C GLU J 71 5.36 -39.90 31.60
N GLY J 72 4.92 -38.67 31.88
CA GLY J 72 3.93 -38.47 32.91
C GLY J 72 2.78 -37.60 32.42
N GLY J 73 3.05 -36.80 31.40
CA GLY J 73 2.04 -35.91 30.85
C GLY J 73 2.66 -34.74 30.09
N THR J 74 1.82 -33.98 29.39
CA THR J 74 2.28 -32.83 28.63
C THR J 74 1.61 -31.57 29.15
N CYS J 75 2.35 -30.46 29.14
CA CYS J 75 1.83 -29.19 29.63
C CYS J 75 2.51 -28.01 28.96
N ALA J 76 1.72 -27.03 28.58
CA ALA J 76 2.27 -25.84 27.94
C ALA J 76 1.89 -24.61 28.75
N VAL J 77 2.67 -23.55 28.58
CA VAL J 77 2.40 -22.33 29.30
C VAL J 77 2.33 -21.15 28.35
N TYR J 78 1.40 -20.26 28.64
CA TYR J 78 1.24 -19.09 27.83
C TYR J 78 1.32 -17.82 28.67
N LEU J 79 1.97 -16.81 28.13
CA LEU J 79 2.03 -15.51 28.77
C LEU J 79 1.38 -14.71 27.69
N ILE J 80 0.09 -14.45 27.87
CA ILE J 80 -0.67 -13.73 26.86
C ILE J 80 -1.00 -12.31 27.24
N CYS J 81 -0.85 -11.41 26.28
CA CYS J 81 -1.21 -10.02 26.50
C CYS J 81 -2.20 -9.65 25.40
N PHE J 82 -3.45 -9.97 25.65
CA PHE J 82 -4.52 -9.68 24.70
C PHE J 82 -4.61 -8.19 24.43
N ASN J 83 -4.90 -7.81 23.18
CA ASN J 83 -5.03 -6.40 22.86
C ASN J 83 -6.25 -5.89 23.63
N THR J 84 -7.16 -6.81 23.92
CA THR J 84 -8.38 -6.48 24.64
C THR J 84 -8.47 -7.20 25.98
N ALA J 85 -9.13 -6.56 26.94
CA ALA J 85 -9.29 -7.13 28.28
C ALA J 85 -10.23 -8.31 28.16
N LYS J 86 -10.01 -9.34 28.97
CA LYS J 86 -10.87 -10.51 28.92
C LYS J 86 -10.92 -11.18 30.28
N SER J 87 -12.12 -11.55 30.71
CA SER J 87 -12.30 -12.23 31.98
C SER J 87 -11.87 -13.68 31.80
N ARG J 88 -11.52 -14.35 32.90
CA ARG J 88 -11.11 -15.75 32.80
C ARG J 88 -12.23 -16.49 32.07
N GLU J 89 -13.46 -16.11 32.36
CA GLU J 89 -14.64 -16.69 31.72
C GLU J 89 -14.35 -16.74 30.24
N THR J 90 -14.10 -15.56 29.66
CA THR J 90 -13.80 -15.41 28.25
C THR J 90 -12.60 -16.22 27.80
N VAL J 91 -11.44 -15.94 28.36
CA VAL J 91 -10.25 -16.67 27.95
C VAL J 91 -10.42 -18.19 28.06
N ARG J 92 -11.17 -18.60 29.07
CA ARG J 92 -11.43 -20.00 29.30
C ARG J 92 -12.11 -20.53 28.05
N ASN J 93 -13.16 -19.83 27.62
CA ASN J 93 -13.92 -20.20 26.42
C ASN J 93 -13.03 -20.14 25.18
N LEU J 94 -12.45 -18.96 24.92
CA LEU J 94 -11.60 -18.77 23.77
C LEU J 94 -10.52 -19.81 23.65
N MET J 95 -9.72 -19.97 24.70
CA MET J 95 -8.63 -20.93 24.66
C MET J 95 -9.04 -22.41 24.68
N ALA J 96 -10.21 -22.68 25.25
CA ALA J 96 -10.70 -24.05 25.30
C ALA J 96 -10.89 -24.54 23.88
N ASN J 97 -11.78 -23.86 23.15
CA ASN J 97 -12.07 -24.19 21.77
C ASN J 97 -10.87 -24.02 20.84
N MET J 98 -10.00 -23.06 21.12
CA MET J 98 -8.84 -22.84 20.26
C MET J 98 -7.84 -23.97 20.39
N LEU J 99 -7.63 -24.43 21.61
CA LEU J 99 -6.68 -25.52 21.83
C LEU J 99 -7.35 -26.87 21.68
N ASN J 100 -8.67 -26.86 21.72
CA ASN J 100 -9.44 -28.09 21.57
C ASN J 100 -9.17 -28.99 22.76
N VAL J 101 -9.71 -28.59 23.91
CA VAL J 101 -9.56 -29.32 25.17
C VAL J 101 -10.72 -28.89 26.04
N ARG J 102 -11.03 -29.66 27.07
CA ARG J 102 -12.13 -29.30 27.97
C ARG J 102 -11.64 -28.16 28.86
N GLU J 103 -12.56 -27.30 29.29
CA GLU J 103 -12.20 -26.18 30.15
C GLU J 103 -11.35 -26.73 31.30
N GLU J 104 -11.60 -28.00 31.63
CA GLU J 104 -10.90 -28.69 32.70
C GLU J 104 -9.40 -28.73 32.50
N CYS J 105 -8.93 -28.71 31.26
CA CYS J 105 -7.49 -28.78 31.00
C CYS J 105 -6.75 -27.44 31.05
N LEU J 106 -7.41 -26.40 31.56
CA LEU J 106 -6.79 -25.09 31.60
C LEU J 106 -6.68 -24.44 32.98
N MET J 107 -5.54 -23.79 33.19
CA MET J 107 -5.28 -23.07 34.43
C MET J 107 -5.02 -21.61 34.04
N LEU J 108 -5.84 -20.71 34.58
CA LEU J 108 -5.71 -19.30 34.24
C LEU J 108 -5.70 -18.29 35.39
N GLN J 109 -4.60 -17.54 35.45
CA GLN J 109 -4.41 -16.51 36.45
C GLN J 109 -3.52 -15.46 35.80
N PRO J 110 -3.69 -14.20 36.19
CA PRO J 110 -2.87 -13.13 35.62
C PRO J 110 -1.45 -13.30 36.12
N PRO J 111 -0.47 -12.86 35.34
CA PRO J 111 0.91 -13.03 35.79
C PRO J 111 1.23 -12.34 37.12
N LYS J 112 2.37 -12.73 37.69
CA LYS J 112 2.86 -12.12 38.92
C LYS J 112 3.85 -11.11 38.34
N ILE J 113 3.37 -9.90 38.12
CA ILE J 113 4.19 -8.86 37.50
C ILE J 113 5.29 -8.28 38.39
N ARG J 114 4.98 -8.01 39.66
CA ARG J 114 5.96 -7.45 40.60
C ARG J 114 6.66 -8.56 41.41
N GLY J 115 7.92 -8.86 41.07
CA GLY J 115 8.65 -9.88 41.79
C GLY J 115 9.73 -10.61 41.00
N LEU J 116 10.91 -9.97 40.89
CA LEU J 116 12.06 -10.51 40.14
C LEU J 116 12.13 -12.01 39.88
N SER J 117 11.87 -12.82 40.91
CA SER J 117 11.91 -14.26 40.77
C SER J 117 11.11 -14.62 39.52
N ALA J 118 9.79 -14.53 39.65
CA ALA J 118 8.88 -14.84 38.56
C ALA J 118 9.30 -14.11 37.29
N ALA J 119 9.43 -12.79 37.38
CA ALA J 119 9.83 -11.99 36.25
C ALA J 119 10.98 -12.66 35.49
N LEU J 120 11.81 -13.40 36.20
CA LEU J 120 12.92 -14.08 35.56
C LEU J 120 12.45 -15.31 34.79
N PHE J 121 11.40 -15.95 35.30
CA PHE J 121 10.84 -17.16 34.67
C PHE J 121 10.77 -16.99 33.16
N TRP J 122 10.07 -15.95 32.74
CA TRP J 122 9.91 -15.65 31.34
C TRP J 122 11.26 -15.33 30.76
N PHE J 123 12.07 -14.59 31.50
CA PHE J 123 13.40 -14.27 30.99
C PHE J 123 14.11 -15.58 30.62
N LYS J 124 14.27 -16.45 31.60
CA LYS J 124 14.93 -17.74 31.36
C LYS J 124 14.30 -18.40 30.15
N SER J 125 12.97 -18.51 30.20
CA SER J 125 12.21 -19.15 29.13
C SER J 125 12.52 -18.52 27.78
N SER J 126 12.69 -17.20 27.77
CA SER J 126 12.98 -16.50 26.53
C SER J 126 14.39 -16.80 26.08
N LEU J 127 15.03 -17.77 26.71
CA LEU J 127 16.39 -18.10 26.34
C LEU J 127 16.52 -19.42 25.59
N SER J 128 15.44 -20.17 25.50
CA SER J 128 15.45 -21.43 24.76
C SER J 128 14.93 -21.16 23.35
N PRO J 129 15.58 -21.74 22.34
CA PRO J 129 15.14 -21.53 20.96
C PRO J 129 13.82 -22.23 20.65
N ALA J 130 13.50 -23.27 21.42
CA ALA J 130 12.27 -24.02 21.23
C ALA J 130 11.09 -23.30 21.87
N THR J 131 11.13 -21.98 21.83
CA THR J 131 10.07 -21.18 22.40
C THR J 131 9.52 -20.19 21.38
N LEU J 132 8.23 -19.90 21.48
CA LEU J 132 7.58 -18.99 20.56
C LEU J 132 7.50 -17.60 21.15
N LYS J 133 8.11 -16.64 20.46
CA LYS J 133 8.13 -15.25 20.91
C LYS J 133 7.33 -14.37 19.96
N HIS J 134 6.83 -13.25 20.47
CA HIS J 134 6.07 -12.31 19.65
C HIS J 134 5.79 -11.00 20.37
N GLY J 135 6.28 -9.92 19.78
CA GLY J 135 6.06 -8.60 20.32
C GLY J 135 7.12 -8.09 21.26
N ALA J 136 6.98 -6.83 21.65
CA ALA J 136 7.91 -6.18 22.55
C ALA J 136 7.77 -6.73 23.96
N LEU J 137 8.84 -7.38 24.43
CA LEU J 137 8.86 -7.94 25.77
C LEU J 137 8.35 -6.85 26.73
N PRO J 138 7.35 -7.19 27.55
CA PRO J 138 6.64 -6.38 28.55
C PRO J 138 7.51 -5.53 29.46
N GLU J 139 7.08 -4.29 29.69
CA GLU J 139 7.82 -3.40 30.56
C GLU J 139 8.16 -4.11 31.86
N TRP J 140 7.14 -4.50 32.61
CA TRP J 140 7.39 -5.19 33.88
C TRP J 140 8.43 -6.29 33.77
N ILE J 141 8.30 -7.18 32.79
CA ILE J 141 9.30 -8.22 32.67
C ILE J 141 10.67 -7.60 32.34
N ARG J 142 10.70 -6.62 31.44
CA ARG J 142 11.98 -6.00 31.07
C ARG J 142 12.66 -5.30 32.25
N ALA J 143 11.98 -4.32 32.82
CA ALA J 143 12.53 -3.58 33.96
C ALA J 143 13.21 -4.49 34.98
N GLN J 144 12.40 -5.21 35.73
CA GLN J 144 12.89 -6.13 36.76
C GLN J 144 14.04 -7.05 36.36
N THR J 145 14.40 -7.08 35.07
CA THR J 145 15.50 -7.95 34.67
C THR J 145 16.62 -7.26 33.88
N THR J 146 16.72 -5.94 33.96
CA THR J 146 17.78 -5.24 33.25
C THR J 146 18.40 -4.18 34.16
N LEU J 147 19.70 -3.95 34.00
CA LEU J 147 20.45 -2.99 34.81
C LEU J 147 20.00 -1.54 34.71
N ASN J 148 19.32 -1.06 35.75
CA ASN J 148 18.82 0.31 35.79
C ASN J 148 19.09 0.93 37.17
N ALA K 4 -12.24 -10.89 -8.34
CA ALA K 4 -11.11 -11.75 -7.89
C ALA K 4 -11.48 -13.22 -8.00
N THR K 5 -12.78 -13.48 -8.02
CA THR K 5 -13.28 -14.83 -8.14
C THR K 5 -12.65 -15.49 -9.35
N VAL K 6 -12.57 -14.71 -10.43
CA VAL K 6 -11.97 -15.19 -11.67
C VAL K 6 -10.75 -16.06 -11.35
N PHE K 7 -9.89 -15.59 -10.45
CA PHE K 7 -8.71 -16.34 -10.08
C PHE K 7 -9.03 -17.55 -9.21
N LYS K 8 -9.71 -17.31 -8.09
CA LYS K 8 -10.08 -18.40 -7.22
C LYS K 8 -10.52 -19.55 -8.12
N LEU K 9 -11.51 -19.27 -8.95
CA LEU K 9 -12.05 -20.25 -9.88
C LEU K 9 -10.99 -20.89 -10.76
N GLY K 10 -10.28 -20.05 -11.51
CA GLY K 10 -9.25 -20.54 -12.40
C GLY K 10 -8.25 -21.46 -11.71
N LEU K 11 -7.87 -21.09 -10.50
CA LEU K 11 -6.93 -21.88 -9.72
C LEU K 11 -7.55 -23.22 -9.30
N PHE K 12 -8.84 -23.19 -9.01
CA PHE K 12 -9.52 -24.41 -8.62
C PHE K 12 -9.45 -25.40 -9.76
N LYS K 13 -9.76 -24.91 -10.95
CA LYS K 13 -9.74 -25.75 -12.14
C LYS K 13 -8.36 -26.37 -12.36
N SER K 14 -7.36 -25.55 -12.66
CA SER K 14 -6.00 -26.05 -12.90
C SER K 14 -5.56 -26.99 -11.80
N LEU K 15 -6.13 -26.84 -10.62
CA LEU K 15 -5.77 -27.69 -9.49
C LEU K 15 -6.64 -28.94 -9.33
N PHE K 16 -7.91 -28.83 -9.71
CA PHE K 16 -8.81 -29.97 -9.55
C PHE K 16 -9.38 -30.55 -10.85
N LEU K 17 -8.96 -29.98 -11.97
CA LEU K 17 -9.39 -30.46 -13.28
C LEU K 17 -10.89 -30.37 -13.54
N CYS K 18 -11.54 -29.37 -12.96
CA CYS K 18 -12.96 -29.17 -13.17
C CYS K 18 -13.37 -27.85 -12.57
N SER K 19 -14.48 -27.29 -13.04
CA SER K 19 -14.96 -26.02 -12.54
C SER K 19 -15.57 -26.17 -11.15
N PHE K 20 -15.43 -25.13 -10.35
CA PHE K 20 -15.99 -25.15 -9.01
C PHE K 20 -17.50 -25.27 -9.15
N HIS K 21 -18.03 -24.65 -10.20
CA HIS K 21 -19.47 -24.66 -10.47
C HIS K 21 -19.93 -26.09 -10.65
N ASP K 22 -19.11 -26.89 -11.31
CA ASP K 22 -19.44 -28.27 -11.60
C ASP K 22 -19.84 -29.08 -10.37
N ILE K 23 -19.41 -28.66 -9.18
CA ILE K 23 -19.72 -29.42 -7.97
C ILE K 23 -20.65 -28.79 -6.97
N THR K 24 -21.08 -27.56 -7.26
CA THR K 24 -21.93 -26.85 -6.33
C THR K 24 -23.13 -26.19 -6.99
N ARG K 25 -24.13 -25.82 -6.20
CA ARG K 25 -25.30 -25.14 -6.74
C ARG K 25 -25.30 -23.73 -6.18
N LEU K 26 -25.82 -22.76 -6.93
CA LEU K 26 -25.80 -21.39 -6.44
C LEU K 26 -26.83 -20.96 -5.39
N PHE K 27 -26.37 -20.08 -4.49
CA PHE K 27 -27.14 -19.47 -3.40
C PHE K 27 -26.81 -18.00 -3.54
N LYS K 28 -27.70 -17.22 -4.13
CA LYS K 28 -27.38 -15.82 -4.32
C LYS K 28 -27.47 -14.99 -3.05
N ASN K 29 -27.98 -15.56 -1.95
CA ASN K 29 -28.08 -14.80 -0.70
C ASN K 29 -27.15 -15.34 0.39
N ASP K 30 -26.33 -14.46 0.94
CA ASP K 30 -25.40 -14.89 1.97
C ASP K 30 -26.07 -15.26 3.28
N LYS K 31 -27.25 -14.72 3.55
CA LYS K 31 -27.95 -15.02 4.80
C LYS K 31 -28.74 -16.34 4.79
N THR K 32 -28.80 -16.98 3.64
CA THR K 32 -29.53 -18.24 3.51
C THR K 32 -28.84 -19.40 4.21
N THR K 33 -29.52 -19.98 5.19
CA THR K 33 -28.98 -21.09 5.99
C THR K 33 -29.01 -22.46 5.32
N ASN K 34 -27.93 -23.22 5.51
CA ASN K 34 -27.84 -24.57 4.96
C ASN K 34 -26.90 -25.45 5.76
N GLN K 35 -27.14 -26.76 5.69
CA GLN K 35 -26.34 -27.73 6.44
C GLN K 35 -25.10 -28.14 5.67
N GLN K 36 -25.29 -28.47 4.41
CA GLN K 36 -24.18 -28.91 3.58
C GLN K 36 -23.46 -27.78 2.87
N TRP K 37 -22.14 -27.83 2.89
CA TRP K 37 -21.35 -26.81 2.23
C TRP K 37 -20.11 -27.33 1.53
N VAL K 38 -19.75 -26.65 0.44
CA VAL K 38 -18.56 -26.96 -0.32
C VAL K 38 -17.65 -25.78 -0.07
N LEU K 39 -16.42 -26.05 0.34
CA LEU K 39 -15.50 -24.96 0.62
C LEU K 39 -14.18 -25.13 -0.10
N ALA K 40 -13.75 -24.05 -0.76
CA ALA K 40 -12.48 -24.04 -1.47
C ALA K 40 -11.67 -22.99 -0.74
N VAL K 41 -10.52 -23.37 -0.21
CA VAL K 41 -9.68 -22.44 0.52
C VAL K 41 -8.33 -22.27 -0.14
N PHE K 42 -7.99 -21.02 -0.42
CA PHE K 42 -6.74 -20.71 -1.07
C PHE K 42 -5.68 -20.14 -0.14
N GLY K 43 -4.49 -20.73 -0.17
CA GLY K 43 -3.41 -20.25 0.69
C GLY K 43 -3.46 -20.86 2.07
N LEU K 44 -4.08 -22.02 2.17
CA LEU K 44 -4.22 -22.73 3.43
C LEU K 44 -2.89 -23.23 3.97
N ALA K 45 -2.69 -23.07 5.27
CA ALA K 45 -1.46 -23.51 5.93
C ALA K 45 -1.61 -24.95 6.40
N GLU K 46 -0.62 -25.77 6.08
CA GLU K 46 -0.66 -27.18 6.47
C GLU K 46 -1.25 -27.41 7.85
N VAL K 47 -0.62 -26.80 8.85
CA VAL K 47 -1.06 -26.94 10.23
C VAL K 47 -2.53 -26.66 10.43
N PHE K 48 -3.02 -25.57 9.85
CA PHE K 48 -4.43 -25.26 9.99
C PHE K 48 -5.27 -26.33 9.30
N PHE K 49 -4.95 -26.64 8.06
CA PHE K 49 -5.69 -27.66 7.34
C PHE K 49 -5.81 -28.89 8.25
N GLU K 50 -4.71 -29.28 8.88
CA GLU K 50 -4.74 -30.44 9.77
C GLU K 50 -5.72 -30.20 10.91
N ALA K 51 -5.53 -29.09 11.60
CA ALA K 51 -6.39 -28.73 12.72
C ALA K 51 -7.85 -28.74 12.32
N SER K 52 -8.16 -27.90 11.34
CA SER K 52 -9.53 -27.77 10.84
C SER K 52 -10.24 -29.10 10.82
N PHE K 53 -9.52 -30.15 10.41
CA PHE K 53 -10.15 -31.45 10.35
C PHE K 53 -10.67 -31.85 11.72
N GLU K 54 -9.75 -32.00 12.66
CA GLU K 54 -10.09 -32.40 14.02
C GLU K 54 -11.18 -31.50 14.61
N LEU K 55 -11.11 -30.22 14.30
CA LEU K 55 -12.08 -29.28 14.82
C LEU K 55 -13.48 -29.44 14.26
N LEU K 56 -13.58 -29.52 12.94
CA LEU K 56 -14.86 -29.66 12.28
C LEU K 56 -15.56 -30.97 12.62
N LYS K 57 -14.77 -32.01 12.90
CA LYS K 57 -15.35 -33.30 13.25
C LYS K 57 -16.39 -33.06 14.33
N LYS K 58 -15.99 -32.34 15.37
CA LYS K 58 -16.86 -32.05 16.50
C LYS K 58 -18.24 -31.46 16.17
N GLN K 59 -18.46 -31.08 14.91
CA GLN K 59 -19.76 -30.49 14.57
C GLN K 59 -20.24 -30.76 13.15
N CYS K 60 -19.80 -31.86 12.56
CA CYS K 60 -20.22 -32.23 11.22
C CYS K 60 -20.64 -33.68 11.22
N SER K 61 -21.78 -33.98 10.61
CA SER K 61 -22.25 -35.35 10.54
C SER K 61 -21.31 -36.05 9.57
N PHE K 62 -20.84 -35.28 8.59
CA PHE K 62 -19.92 -35.77 7.58
C PHE K 62 -18.97 -34.65 7.19
N LEU K 63 -17.76 -35.04 6.78
CA LEU K 63 -16.76 -34.08 6.38
C LEU K 63 -15.70 -34.78 5.54
N GLN K 64 -15.40 -34.19 4.38
CA GLN K 64 -14.38 -34.75 3.51
C GLN K 64 -13.42 -33.63 3.11
N MET K 65 -12.18 -33.71 3.57
CA MET K 65 -11.22 -32.68 3.26
C MET K 65 -10.17 -33.13 2.28
N GLN K 66 -9.82 -32.23 1.37
CA GLN K 66 -8.87 -32.56 0.33
C GLN K 66 -8.00 -31.33 0.03
N LYS K 67 -6.69 -31.52 0.00
CA LYS K 67 -5.79 -30.41 -0.29
C LYS K 67 -4.84 -30.75 -1.43
N ARG K 68 -4.70 -29.83 -2.38
CA ARG K 68 -3.80 -30.03 -3.53
C ARG K 68 -3.03 -28.73 -3.74
N SER K 69 -1.92 -28.80 -4.50
CA SER K 69 -1.13 -27.60 -4.74
C SER K 69 0.03 -27.74 -5.72
N HIS K 70 0.62 -26.60 -6.06
CA HIS K 70 1.76 -26.50 -6.96
C HIS K 70 2.32 -25.08 -6.90
N GLU K 71 3.34 -24.79 -7.71
CA GLU K 71 3.97 -23.46 -7.70
C GLU K 71 3.01 -22.29 -7.89
N GLY K 72 2.11 -22.41 -8.87
CA GLY K 72 1.17 -21.34 -9.16
C GLY K 72 0.17 -21.03 -8.06
N GLY K 73 -0.08 -21.99 -7.17
CA GLY K 73 -1.03 -21.78 -6.10
C GLY K 73 -1.36 -23.05 -5.35
N THR K 74 -2.10 -22.90 -4.27
CA THR K 74 -2.51 -24.04 -3.45
C THR K 74 -3.97 -23.86 -3.09
N CYS K 75 -4.72 -24.96 -3.11
CA CYS K 75 -6.13 -24.90 -2.78
C CYS K 75 -6.61 -26.18 -2.12
N ALA K 76 -7.65 -26.06 -1.31
CA ALA K 76 -8.22 -27.20 -0.61
C ALA K 76 -9.72 -27.14 -0.71
N VAL K 77 -10.37 -28.29 -0.88
CA VAL K 77 -11.82 -28.30 -0.95
C VAL K 77 -12.39 -29.07 0.22
N TYR K 78 -13.47 -28.54 0.77
CA TYR K 78 -14.13 -29.16 1.90
C TYR K 78 -15.59 -29.45 1.55
N LEU K 79 -16.05 -30.66 1.86
CA LEU K 79 -17.46 -30.98 1.66
C LEU K 79 -17.92 -31.13 3.11
N ILE K 80 -18.44 -30.04 3.66
CA ILE K 80 -18.86 -30.02 5.05
C ILE K 80 -20.33 -30.34 5.19
N CYS K 81 -20.68 -30.91 6.34
CA CYS K 81 -22.06 -31.24 6.66
C CYS K 81 -22.30 -30.93 8.13
N PHE K 82 -22.50 -29.65 8.43
CA PHE K 82 -22.72 -29.20 9.80
C PHE K 82 -23.96 -29.83 10.38
N ASN K 83 -23.88 -30.26 11.63
CA ASN K 83 -25.03 -30.85 12.28
C ASN K 83 -26.12 -29.80 12.32
N THR K 84 -25.72 -28.53 12.20
CA THR K 84 -26.69 -27.43 12.24
C THR K 84 -26.62 -26.46 11.06
N ALA K 85 -27.78 -26.12 10.52
CA ALA K 85 -27.88 -25.21 9.39
C ALA K 85 -27.13 -23.90 9.61
N LYS K 86 -26.26 -23.54 8.66
CA LYS K 86 -25.47 -22.29 8.74
C LYS K 86 -25.51 -21.45 7.47
N SER K 87 -25.61 -20.14 7.64
CA SER K 87 -25.63 -19.21 6.51
C SER K 87 -24.22 -19.12 5.96
N ARG K 88 -24.07 -18.60 4.74
CA ARG K 88 -22.73 -18.49 4.17
C ARG K 88 -21.92 -17.62 5.09
N GLU K 89 -22.53 -16.54 5.60
CA GLU K 89 -21.82 -15.68 6.53
C GLU K 89 -21.28 -16.58 7.63
N THR K 90 -22.14 -16.99 8.55
CA THR K 90 -21.70 -17.84 9.64
C THR K 90 -20.57 -18.78 9.23
N VAL K 91 -20.80 -19.58 8.18
CA VAL K 91 -19.78 -20.52 7.74
C VAL K 91 -18.52 -19.78 7.45
N ARG K 92 -18.66 -18.73 6.66
CA ARG K 92 -17.55 -17.89 6.28
C ARG K 92 -16.80 -17.41 7.54
N ASN K 93 -17.44 -16.62 8.38
CA ASN K 93 -16.80 -16.14 9.61
C ASN K 93 -16.07 -17.27 10.33
N LEU K 94 -16.81 -18.33 10.67
CA LEU K 94 -16.23 -19.48 11.36
C LEU K 94 -14.97 -19.97 10.72
N MET K 95 -15.03 -20.25 9.42
CA MET K 95 -13.88 -20.77 8.72
C MET K 95 -12.76 -19.78 8.44
N ALA K 96 -13.12 -18.56 8.07
CA ALA K 96 -12.11 -17.56 7.80
C ALA K 96 -11.16 -17.54 8.98
N ASN K 97 -11.71 -17.80 10.16
CA ASN K 97 -10.92 -17.79 11.38
C ASN K 97 -10.23 -19.13 11.67
N MET K 98 -11.02 -20.21 11.79
CA MET K 98 -10.45 -21.52 12.07
C MET K 98 -9.28 -21.87 11.17
N LEU K 99 -9.32 -21.35 9.94
CA LEU K 99 -8.25 -21.62 8.97
C LEU K 99 -7.16 -20.56 8.96
N ASN K 100 -7.52 -19.35 9.36
CA ASN K 100 -6.57 -18.26 9.43
C ASN K 100 -6.20 -17.74 8.04
N VAL K 101 -7.23 -17.31 7.32
CA VAL K 101 -7.09 -16.75 5.97
C VAL K 101 -8.12 -15.64 5.87
N ARG K 102 -7.83 -14.57 5.13
CA ARG K 102 -8.82 -13.50 5.04
C ARG K 102 -10.05 -14.12 4.37
N GLU K 103 -11.23 -13.54 4.59
CA GLU K 103 -12.45 -14.09 4.00
C GLU K 103 -12.25 -14.27 2.51
N GLU K 104 -11.62 -13.28 1.90
CA GLU K 104 -11.35 -13.27 0.47
C GLU K 104 -10.70 -14.55 -0.07
N CYS K 105 -10.11 -15.36 0.79
CA CYS K 105 -9.48 -16.60 0.36
C CYS K 105 -10.44 -17.77 0.44
N LEU K 106 -11.73 -17.46 0.55
CA LEU K 106 -12.74 -18.49 0.65
C LEU K 106 -13.72 -18.49 -0.52
N MET K 107 -14.32 -19.65 -0.75
CA MET K 107 -15.33 -19.83 -1.79
C MET K 107 -16.33 -20.78 -1.16
N LEU K 108 -17.55 -20.30 -0.96
CA LEU K 108 -18.58 -21.09 -0.34
C LEU K 108 -19.89 -21.16 -1.10
N GLN K 109 -20.28 -22.38 -1.47
CA GLN K 109 -21.53 -22.61 -2.18
C GLN K 109 -22.04 -23.98 -1.80
N PRO K 110 -23.36 -24.13 -1.71
CA PRO K 110 -23.89 -25.44 -1.36
C PRO K 110 -23.63 -26.43 -2.48
N PRO K 111 -23.35 -27.69 -2.14
CA PRO K 111 -23.06 -28.76 -3.09
C PRO K 111 -24.12 -28.96 -4.16
N LYS K 112 -23.72 -29.66 -5.21
CA LYS K 112 -24.62 -29.98 -6.31
C LYS K 112 -25.07 -31.39 -5.98
N ILE K 113 -26.31 -31.57 -5.54
CA ILE K 113 -26.77 -32.91 -5.18
C ILE K 113 -27.24 -33.77 -6.35
N ARG K 114 -28.24 -33.30 -7.09
CA ARG K 114 -28.73 -34.03 -8.25
C ARG K 114 -27.70 -33.84 -9.38
N GLY K 115 -26.84 -34.82 -9.58
CA GLY K 115 -25.82 -34.72 -10.61
C GLY K 115 -24.77 -35.80 -10.43
N LEU K 116 -24.60 -36.66 -11.44
CA LEU K 116 -23.63 -37.75 -11.33
C LEU K 116 -22.19 -37.30 -11.47
N SER K 117 -21.96 -36.39 -12.40
CA SER K 117 -20.61 -35.88 -12.59
C SER K 117 -20.14 -35.38 -11.23
N ALA K 118 -21.04 -34.72 -10.52
CA ALA K 118 -20.74 -34.18 -9.21
C ALA K 118 -20.51 -35.29 -8.18
N ALA K 119 -21.44 -36.22 -8.10
CA ALA K 119 -21.33 -37.31 -7.13
C ALA K 119 -19.99 -38.02 -7.26
N LEU K 120 -19.58 -38.24 -8.50
CA LEU K 120 -18.34 -38.94 -8.74
C LEU K 120 -17.13 -38.15 -8.28
N PHE K 121 -17.27 -36.84 -8.22
CA PHE K 121 -16.15 -36.00 -7.76
C PHE K 121 -15.83 -36.39 -6.32
N TRP K 122 -16.86 -36.40 -5.48
CA TRP K 122 -16.73 -36.74 -4.08
C TRP K 122 -16.31 -38.18 -3.95
N PHE K 123 -16.92 -39.06 -4.74
CA PHE K 123 -16.58 -40.48 -4.68
C PHE K 123 -15.13 -40.66 -5.08
N LYS K 124 -14.72 -40.07 -6.20
CA LYS K 124 -13.35 -40.21 -6.64
C LYS K 124 -12.42 -39.77 -5.53
N SER K 125 -12.70 -38.61 -4.96
CA SER K 125 -11.88 -38.11 -3.88
C SER K 125 -11.74 -39.16 -2.80
N SER K 126 -12.86 -39.51 -2.18
CA SER K 126 -12.87 -40.51 -1.12
C SER K 126 -12.04 -41.75 -1.42
N LEU K 127 -11.67 -41.93 -2.69
CA LEU K 127 -10.85 -43.10 -3.05
C LEU K 127 -9.39 -42.89 -2.73
N SER K 128 -8.92 -41.65 -2.82
CA SER K 128 -7.53 -41.33 -2.52
C SER K 128 -7.29 -41.44 -1.00
N PRO K 129 -6.07 -41.84 -0.60
CA PRO K 129 -5.77 -41.97 0.82
C PRO K 129 -5.56 -40.61 1.51
N ALA K 130 -4.78 -39.75 0.88
CA ALA K 130 -4.45 -38.42 1.40
C ALA K 130 -5.68 -37.69 1.93
N THR K 131 -6.81 -37.89 1.26
CA THR K 131 -8.07 -37.27 1.65
C THR K 131 -8.44 -37.64 3.08
N LEU K 132 -8.68 -36.62 3.90
CA LEU K 132 -9.07 -36.86 5.29
C LEU K 132 -10.57 -37.08 5.21
N LYS K 133 -11.03 -38.19 5.75
CA LYS K 133 -12.46 -38.50 5.69
C LYS K 133 -13.01 -38.75 7.08
N HIS K 134 -14.27 -38.39 7.26
CA HIS K 134 -14.96 -38.61 8.53
C HIS K 134 -16.45 -38.59 8.33
N GLY K 135 -17.10 -39.70 8.69
CA GLY K 135 -18.54 -39.79 8.57
C GLY K 135 -18.97 -40.76 7.49
N ALA K 136 -20.27 -41.06 7.47
CA ALA K 136 -20.83 -41.97 6.49
C ALA K 136 -21.15 -41.21 5.20
N LEU K 137 -20.43 -41.54 4.14
CA LEU K 137 -20.62 -40.90 2.83
C LEU K 137 -22.11 -40.57 2.66
N PRO K 138 -22.43 -39.29 2.41
CA PRO K 138 -23.81 -38.83 2.24
C PRO K 138 -24.69 -39.68 1.35
N GLU K 139 -26.00 -39.63 1.61
CA GLU K 139 -26.99 -40.37 0.83
C GLU K 139 -26.91 -40.02 -0.66
N TRP K 140 -27.27 -38.79 -0.99
CA TRP K 140 -27.26 -38.33 -2.37
C TRP K 140 -26.03 -38.70 -3.21
N ILE K 141 -24.90 -38.96 -2.58
CA ILE K 141 -23.75 -39.32 -3.40
C ILE K 141 -23.79 -40.79 -3.73
N ARG K 142 -24.13 -41.63 -2.74
CA ARG K 142 -24.20 -43.08 -2.93
C ARG K 142 -25.31 -43.40 -3.91
N ALA K 143 -26.52 -43.01 -3.53
CA ALA K 143 -27.71 -43.24 -4.34
C ALA K 143 -27.47 -42.96 -5.82
N GLN K 144 -26.47 -42.14 -6.13
CA GLN K 144 -26.18 -41.80 -7.52
C GLN K 144 -24.96 -42.52 -8.10
N THR K 145 -24.17 -43.13 -7.23
CA THR K 145 -22.96 -43.83 -7.66
C THR K 145 -22.98 -45.33 -7.33
N THR K 146 -24.17 -45.92 -7.27
CA THR K 146 -24.29 -47.33 -6.96
C THR K 146 -25.03 -48.10 -8.05
N LEU K 147 -24.62 -49.34 -8.28
CA LEU K 147 -25.22 -50.20 -9.30
C LEU K 147 -26.67 -50.57 -8.94
N ASN K 148 -27.61 -49.74 -9.37
CA ASN K 148 -29.03 -49.99 -9.10
C ASN K 148 -29.51 -51.21 -9.87
N ALA L 4 -45.07 12.96 14.28
CA ALA L 4 -44.38 13.99 13.46
C ALA L 4 -43.57 13.35 12.33
N THR L 5 -43.47 12.01 12.35
CA THR L 5 -42.75 11.26 11.31
C THR L 5 -43.23 11.78 9.96
N VAL L 6 -44.52 12.08 9.89
CA VAL L 6 -45.11 12.59 8.67
C VAL L 6 -44.50 13.94 8.31
N PHE L 7 -44.29 14.78 9.33
CA PHE L 7 -43.70 16.09 9.11
C PHE L 7 -42.26 15.92 8.62
N LYS L 8 -41.69 14.76 8.91
CA LYS L 8 -40.33 14.44 8.49
C LYS L 8 -40.41 14.10 7.01
N LEU L 9 -41.06 12.97 6.74
CA LEU L 9 -41.27 12.48 5.40
C LEU L 9 -41.56 13.66 4.50
N GLY L 10 -42.51 14.49 4.93
CA GLY L 10 -42.87 15.66 4.17
C GLY L 10 -41.67 16.55 3.96
N LEU L 11 -41.00 16.87 5.07
CA LEU L 11 -39.82 17.72 5.01
C LEU L 11 -38.77 17.14 4.07
N PHE L 12 -38.57 15.83 4.17
CA PHE L 12 -37.61 15.13 3.33
C PHE L 12 -38.04 15.30 1.89
N LYS L 13 -39.33 15.03 1.66
CA LYS L 13 -39.94 15.14 0.33
C LYS L 13 -39.77 16.58 -0.14
N SER L 14 -40.12 17.50 0.75
CA SER L 14 -40.01 18.92 0.46
C SER L 14 -38.58 19.25 0.07
N LEU L 15 -37.64 18.60 0.75
CA LEU L 15 -36.21 18.84 0.55
C LEU L 15 -35.53 18.08 -0.59
N PHE L 16 -35.94 16.84 -0.81
CA PHE L 16 -35.32 16.03 -1.86
C PHE L 16 -36.21 15.80 -3.07
N LEU L 17 -37.50 16.11 -2.92
CA LEU L 17 -38.47 15.98 -3.99
C LEU L 17 -38.87 14.55 -4.33
N CYS L 18 -39.10 13.72 -3.33
CA CYS L 18 -39.50 12.33 -3.56
C CYS L 18 -39.62 11.58 -2.25
N SER L 19 -40.75 10.93 -2.02
CA SER L 19 -40.95 10.20 -0.77
C SER L 19 -39.74 9.40 -0.34
N PHE L 20 -39.48 9.46 0.97
CA PHE L 20 -38.38 8.74 1.58
C PHE L 20 -38.62 7.26 1.25
N HIS L 21 -39.90 6.91 1.12
CA HIS L 21 -40.33 5.54 0.81
C HIS L 21 -39.84 5.08 -0.56
N ASP L 22 -39.69 6.01 -1.49
CA ASP L 22 -39.26 5.69 -2.83
C ASP L 22 -37.83 5.18 -2.95
N ILE L 23 -37.09 5.16 -1.84
CA ILE L 23 -35.71 4.66 -1.88
C ILE L 23 -35.34 3.67 -0.78
N THR L 24 -36.30 3.29 0.04
CA THR L 24 -36.02 2.37 1.15
C THR L 24 -36.97 1.19 1.26
N ARG L 25 -36.46 0.00 1.59
CA ARG L 25 -37.33 -1.18 1.74
C ARG L 25 -37.72 -1.35 3.21
N LEU L 26 -38.99 -1.73 3.45
CA LEU L 26 -39.52 -1.91 4.79
C LEU L 26 -38.84 -2.96 5.65
N PHE L 27 -38.65 -2.62 6.92
CA PHE L 27 -38.00 -3.48 7.92
C PHE L 27 -38.83 -3.18 9.16
N LYS L 28 -39.81 -4.03 9.49
CA LYS L 28 -40.61 -3.69 10.65
C LYS L 28 -40.06 -4.07 12.00
N ASN L 29 -38.79 -4.44 12.06
CA ASN L 29 -38.21 -4.79 13.35
C ASN L 29 -36.89 -4.09 13.65
N ASP L 30 -36.89 -3.30 14.70
CA ASP L 30 -35.68 -2.57 15.07
C ASP L 30 -34.53 -3.52 15.41
N LYS L 31 -34.83 -4.77 15.72
CA LYS L 31 -33.81 -5.75 16.07
C LYS L 31 -33.27 -6.48 14.83
N THR L 32 -33.88 -6.23 13.67
CA THR L 32 -33.46 -6.87 12.40
C THR L 32 -32.18 -6.18 11.97
N THR L 33 -31.11 -6.95 11.82
CA THR L 33 -29.80 -6.38 11.44
C THR L 33 -29.49 -6.39 9.95
N ASN L 34 -28.70 -5.41 9.53
CA ASN L 34 -28.31 -5.35 8.14
C ASN L 34 -27.04 -4.51 7.98
N GLN L 35 -26.35 -4.71 6.87
CA GLN L 35 -25.13 -3.98 6.61
C GLN L 35 -25.46 -2.59 6.05
N GLN L 36 -26.35 -2.55 5.07
CA GLN L 36 -26.71 -1.29 4.43
C GLN L 36 -27.92 -0.60 5.02
N TRP L 37 -27.82 0.71 5.19
CA TRP L 37 -28.91 1.49 5.73
C TRP L 37 -29.02 2.84 5.06
N VAL L 38 -30.21 3.41 5.15
CA VAL L 38 -30.48 4.72 4.61
C VAL L 38 -30.92 5.55 5.80
N LEU L 39 -30.21 6.66 6.00
CA LEU L 39 -30.45 7.54 7.10
C LEU L 39 -30.90 8.93 6.69
N ALA L 40 -31.95 9.40 7.36
CA ALA L 40 -32.48 10.73 7.13
C ALA L 40 -32.31 11.40 8.49
N VAL L 41 -31.51 12.45 8.54
CA VAL L 41 -31.27 13.15 9.79
C VAL L 41 -31.80 14.57 9.71
N PHE L 42 -32.45 15.00 10.78
CA PHE L 42 -33.04 16.33 10.80
C PHE L 42 -32.46 17.26 11.85
N GLY L 43 -32.12 18.48 11.43
CA GLY L 43 -31.56 19.47 12.34
C GLY L 43 -30.11 19.19 12.64
N LEU L 44 -29.40 18.74 11.61
CA LEU L 44 -28.01 18.38 11.77
C LEU L 44 -27.08 19.58 11.73
N ALA L 45 -26.25 19.69 12.77
CA ALA L 45 -25.28 20.78 12.88
C ALA L 45 -24.27 20.64 11.75
N GLU L 46 -23.98 21.76 11.08
CA GLU L 46 -23.04 21.73 9.98
C GLU L 46 -21.83 20.86 10.30
N VAL L 47 -21.14 21.20 11.39
CA VAL L 47 -19.95 20.47 11.81
C VAL L 47 -20.14 18.95 11.93
N PHE L 48 -21.08 18.52 12.76
CA PHE L 48 -21.35 17.10 12.94
C PHE L 48 -21.54 16.36 11.64
N PHE L 49 -22.14 17.00 10.65
CA PHE L 49 -22.29 16.33 9.37
C PHE L 49 -20.87 16.08 8.86
N GLU L 50 -20.09 17.15 8.72
CA GLU L 50 -18.72 17.01 8.24
C GLU L 50 -17.94 15.95 9.00
N ALA L 51 -18.13 15.91 10.31
CA ALA L 51 -17.40 14.94 11.15
C ALA L 51 -17.77 13.49 10.89
N SER L 52 -19.07 13.21 11.00
CA SER L 52 -19.60 11.87 10.80
C SER L 52 -19.02 11.20 9.57
N PHE L 53 -18.86 11.98 8.51
CA PHE L 53 -18.32 11.43 7.27
C PHE L 53 -16.92 10.84 7.47
N GLU L 54 -16.00 11.66 7.98
CA GLU L 54 -14.63 11.19 8.19
C GLU L 54 -14.57 10.04 9.18
N LEU L 55 -15.51 10.06 10.12
CA LEU L 55 -15.59 9.06 11.18
C LEU L 55 -16.15 7.71 10.72
N LEU L 56 -17.19 7.75 9.89
CA LEU L 56 -17.79 6.52 9.40
C LEU L 56 -16.82 5.76 8.52
N LYS L 57 -16.06 6.49 7.71
CA LYS L 57 -15.10 5.85 6.82
C LYS L 57 -14.37 4.71 7.50
N LYS L 58 -14.10 4.86 8.79
CA LYS L 58 -13.39 3.83 9.53
C LYS L 58 -14.16 2.52 9.58
N GLN L 59 -15.48 2.58 9.46
CA GLN L 59 -16.25 1.36 9.54
C GLN L 59 -17.26 1.07 8.43
N CYS L 60 -17.09 1.67 7.25
CA CYS L 60 -17.98 1.42 6.13
C CYS L 60 -17.22 1.04 4.87
N SER L 61 -17.81 0.18 4.05
CA SER L 61 -17.18 -0.25 2.82
C SER L 61 -17.58 0.73 1.73
N PHE L 62 -18.71 1.40 1.94
CA PHE L 62 -19.23 2.39 1.00
C PHE L 62 -20.09 3.37 1.75
N LEU L 63 -19.94 4.65 1.40
CA LEU L 63 -20.68 5.69 2.08
C LEU L 63 -21.01 6.87 1.16
N GLN L 64 -22.26 7.33 1.16
CA GLN L 64 -22.63 8.50 0.35
C GLN L 64 -23.48 9.46 1.14
N MET L 65 -23.02 10.70 1.25
CA MET L 65 -23.72 11.72 2.02
C MET L 65 -24.11 12.97 1.27
N GLN L 66 -25.35 13.40 1.49
CA GLN L 66 -25.91 14.60 0.89
C GLN L 66 -26.68 15.34 1.96
N LYS L 67 -26.63 16.67 1.95
CA LYS L 67 -27.32 17.47 2.95
C LYS L 67 -28.01 18.68 2.33
N ARG L 68 -29.34 18.77 2.48
CA ARG L 68 -30.10 19.89 1.93
C ARG L 68 -30.90 20.64 2.99
N SER L 69 -31.22 21.89 2.68
CA SER L 69 -31.96 22.73 3.61
C SER L 69 -32.48 24.03 2.98
N HIS L 70 -33.38 24.68 3.71
CA HIS L 70 -33.98 25.94 3.27
C HIS L 70 -34.69 26.61 4.46
N GLU L 71 -35.50 27.62 4.19
CA GLU L 71 -36.20 28.33 5.27
C GLU L 71 -37.31 27.53 5.94
N GLY L 72 -37.19 26.21 5.91
CA GLY L 72 -38.20 25.36 6.52
C GLY L 72 -37.56 24.32 7.43
N GLY L 73 -36.30 24.01 7.17
CA GLY L 73 -35.58 23.02 7.97
C GLY L 73 -34.40 22.43 7.22
N THR L 74 -33.57 21.65 7.92
CA THR L 74 -32.41 21.03 7.32
C THR L 74 -32.52 19.51 7.44
N CYS L 75 -32.03 18.80 6.43
CA CYS L 75 -32.10 17.35 6.41
C CYS L 75 -30.98 16.75 5.58
N ALA L 76 -30.37 15.70 6.10
CA ALA L 76 -29.30 15.04 5.38
C ALA L 76 -29.65 13.58 5.17
N VAL L 77 -29.03 12.97 4.17
CA VAL L 77 -29.29 11.58 3.89
C VAL L 77 -28.00 10.78 3.80
N TYR L 78 -28.06 9.57 4.33
CA TYR L 78 -26.91 8.72 4.31
C TYR L 78 -27.25 7.39 3.66
N LEU L 79 -26.29 6.89 2.87
CA LEU L 79 -26.43 5.57 2.28
C LEU L 79 -25.21 4.94 2.89
N ILE L 80 -25.44 4.18 3.96
CA ILE L 80 -24.34 3.57 4.68
C ILE L 80 -24.22 2.08 4.45
N CYS L 81 -23.00 1.62 4.27
CA CYS L 81 -22.76 0.20 4.13
C CYS L 81 -21.72 -0.16 5.19
N PHE L 82 -22.21 -0.41 6.40
CA PHE L 82 -21.35 -0.77 7.51
C PHE L 82 -20.57 -2.05 7.20
N ASN L 83 -19.32 -2.12 7.63
CA ASN L 83 -18.54 -3.33 7.41
C ASN L 83 -19.20 -4.44 8.21
N THR L 84 -19.91 -4.04 9.26
CA THR L 84 -20.60 -4.99 10.12
C THR L 84 -22.11 -4.78 10.11
N ALA L 85 -22.84 -5.86 10.30
CA ALA L 85 -24.30 -5.81 10.33
C ALA L 85 -24.72 -5.07 11.58
N LYS L 86 -25.81 -4.32 11.49
CA LYS L 86 -26.28 -3.57 12.66
C LYS L 86 -27.79 -3.40 12.60
N SER L 87 -28.45 -3.63 13.73
CA SER L 87 -29.90 -3.48 13.80
C SER L 87 -30.21 -1.98 13.89
N ARG L 88 -31.42 -1.58 13.51
CA ARG L 88 -31.76 -0.16 13.58
C ARG L 88 -31.47 0.30 15.00
N GLU L 89 -31.76 -0.57 15.96
CA GLU L 89 -31.50 -0.30 17.37
C GLU L 89 -30.11 0.29 17.46
N THR L 90 -29.14 -0.50 17.01
CA THR L 90 -27.73 -0.11 17.01
C THR L 90 -27.46 1.18 16.24
N VAL L 91 -27.76 1.19 14.96
CA VAL L 91 -27.50 2.38 14.18
C VAL L 91 -28.15 3.62 14.77
N ARG L 92 -29.32 3.42 15.35
CA ARG L 92 -30.06 4.51 15.97
C ARG L 92 -29.16 5.09 17.05
N ASN L 93 -28.64 4.21 17.91
CA ASN L 93 -27.74 4.62 18.99
C ASN L 93 -26.47 5.25 18.43
N LEU L 94 -25.76 4.50 17.60
CA LEU L 94 -24.52 4.97 17.02
C LEU L 94 -24.65 6.33 16.36
N MET L 95 -25.58 6.46 15.43
CA MET L 95 -25.77 7.71 14.73
C MET L 95 -26.35 8.85 15.55
N ALA L 96 -27.11 8.50 16.58
CA ALA L 96 -27.71 9.51 17.45
C ALA L 96 -26.57 10.30 18.09
N ASN L 97 -25.76 9.59 18.88
CA ASN L 97 -24.62 10.18 19.56
C ASN L 97 -23.57 10.74 18.61
N MET L 98 -23.39 10.12 17.45
CA MET L 98 -22.37 10.60 16.51
C MET L 98 -22.78 11.93 15.90
N LEU L 99 -24.06 12.06 15.56
CA LEU L 99 -24.54 13.29 14.96
C LEU L 99 -24.95 14.29 16.03
N ASN L 100 -25.14 13.79 17.24
CA ASN L 100 -25.53 14.64 18.35
C ASN L 100 -26.91 15.19 18.10
N VAL L 101 -27.91 14.31 18.21
CA VAL L 101 -29.31 14.65 18.01
C VAL L 101 -30.10 13.59 18.75
N ARG L 102 -31.37 13.85 19.04
CA ARG L 102 -32.20 12.88 19.73
C ARG L 102 -32.56 11.78 18.74
N GLU L 103 -32.75 10.55 19.23
CA GLU L 103 -33.12 9.44 18.35
C GLU L 103 -34.29 9.91 17.48
N GLU L 104 -35.08 10.84 18.01
CA GLU L 104 -36.23 11.39 17.33
C GLU L 104 -35.89 12.02 15.99
N CYS L 105 -34.68 12.55 15.84
CA CYS L 105 -34.30 13.20 14.59
C CYS L 105 -33.78 12.28 13.49
N LEU L 106 -33.96 10.97 13.67
CA LEU L 106 -33.46 10.02 12.69
C LEU L 106 -34.49 9.08 12.08
N MET L 107 -34.34 8.85 10.78
CA MET L 107 -35.20 7.95 10.03
C MET L 107 -34.29 6.86 9.44
N LEU L 108 -34.56 5.61 9.79
CA LEU L 108 -33.74 4.51 9.33
C LEU L 108 -34.44 3.30 8.75
N GLN L 109 -34.12 3.01 7.49
CA GLN L 109 -34.65 1.86 6.77
C GLN L 109 -33.58 1.45 5.79
N PRO L 110 -33.52 0.16 5.46
CA PRO L 110 -32.51 -0.33 4.52
C PRO L 110 -32.87 0.20 3.14
N PRO L 111 -31.89 0.39 2.28
CA PRO L 111 -32.20 0.90 0.95
C PRO L 111 -33.16 0.03 0.14
N LYS L 112 -33.69 0.61 -0.93
CA LYS L 112 -34.56 -0.10 -1.85
C LYS L 112 -33.56 -0.46 -2.94
N ILE L 113 -32.97 -1.65 -2.81
CA ILE L 113 -31.94 -2.10 -3.74
C ILE L 113 -32.42 -2.47 -5.14
N ARG L 114 -33.55 -3.18 -5.24
CA ARG L 114 -34.10 -3.60 -6.52
C ARG L 114 -35.17 -2.60 -7.02
N GLY L 115 -34.82 -1.79 -8.01
CA GLY L 115 -35.77 -0.82 -8.54
C GLY L 115 -35.16 0.45 -9.14
N LEU L 116 -34.70 0.34 -10.39
CA LEU L 116 -34.07 1.46 -11.13
C LEU L 116 -34.36 2.88 -10.68
N SER L 117 -35.61 3.19 -10.43
CA SER L 117 -35.98 4.54 -10.00
C SER L 117 -35.05 4.93 -8.86
N ALA L 118 -35.29 4.33 -7.69
CA ALA L 118 -34.49 4.60 -6.51
C ALA L 118 -33.00 4.47 -6.83
N ALA L 119 -32.62 3.32 -7.37
CA ALA L 119 -31.23 3.09 -7.72
C ALA L 119 -30.64 4.33 -8.40
N LEU L 120 -31.46 5.08 -9.12
CA LEU L 120 -30.97 6.26 -9.78
C LEU L 120 -30.75 7.41 -8.81
N PHE L 121 -31.57 7.44 -7.76
CA PHE L 121 -31.48 8.49 -6.72
C PHE L 121 -30.03 8.77 -6.37
N TRP L 122 -29.35 7.70 -5.93
CA TRP L 122 -27.96 7.80 -5.56
C TRP L 122 -27.16 8.17 -6.78
N PHE L 123 -27.49 7.59 -7.92
CA PHE L 123 -26.75 7.94 -9.12
C PHE L 123 -26.79 9.47 -9.30
N LYS L 124 -27.99 10.02 -9.41
CA LYS L 124 -28.14 11.46 -9.58
C LYS L 124 -27.33 12.16 -8.51
N SER L 125 -27.56 11.77 -7.26
CA SER L 125 -26.88 12.37 -6.11
C SER L 125 -25.38 12.31 -6.28
N SER L 126 -24.88 11.22 -6.84
CA SER L 126 -23.45 11.07 -7.03
C SER L 126 -22.97 11.99 -8.14
N LEU L 127 -23.83 12.89 -8.58
CA LEU L 127 -23.45 13.78 -9.66
C LEU L 127 -23.20 15.21 -9.21
N SER L 128 -23.50 15.51 -7.96
CA SER L 128 -23.26 16.84 -7.41
C SER L 128 -21.93 16.84 -6.70
N PRO L 129 -21.11 17.88 -6.89
CA PRO L 129 -19.81 17.93 -6.23
C PRO L 129 -19.92 18.16 -4.72
N ALA L 130 -21.04 18.75 -4.29
CA ALA L 130 -21.26 19.02 -2.88
C ALA L 130 -21.74 17.77 -2.16
N THR L 131 -21.23 16.63 -2.59
CA THR L 131 -21.61 15.35 -1.98
C THR L 131 -20.37 14.59 -1.54
N LEU L 132 -20.51 13.84 -0.45
CA LEU L 132 -19.41 13.05 0.10
C LEU L 132 -19.46 11.62 -0.39
N LYS L 133 -18.41 11.21 -1.10
CA LYS L 133 -18.35 9.85 -1.63
C LYS L 133 -17.24 9.06 -0.93
N HIS L 134 -17.38 7.74 -0.93
CA HIS L 134 -16.37 6.87 -0.33
C HIS L 134 -16.61 5.40 -0.64
N GLY L 135 -15.61 4.79 -1.28
CA GLY L 135 -15.68 3.39 -1.59
C GLY L 135 -16.25 3.05 -2.95
N ALA L 136 -16.17 1.77 -3.29
CA ALA L 136 -16.67 1.27 -4.56
C ALA L 136 -18.20 1.30 -4.59
N LEU L 137 -18.74 2.11 -5.49
CA LEU L 137 -20.18 2.21 -5.65
C LEU L 137 -20.74 0.79 -5.72
N PRO L 138 -21.74 0.49 -4.88
CA PRO L 138 -22.46 -0.78 -4.70
C PRO L 138 -22.90 -1.48 -5.97
N GLU L 139 -22.74 -2.80 -6.00
CA GLU L 139 -23.14 -3.57 -7.17
C GLU L 139 -24.55 -3.19 -7.55
N TRP L 140 -25.51 -3.44 -6.67
CA TRP L 140 -26.91 -3.11 -6.98
C TRP L 140 -27.07 -1.72 -7.58
N ILE L 141 -26.49 -0.71 -6.96
CA ILE L 141 -26.63 0.61 -7.55
C ILE L 141 -25.95 0.65 -8.92
N ARG L 142 -24.76 0.06 -9.05
CA ARG L 142 -24.07 0.09 -10.34
C ARG L 142 -24.82 -0.62 -11.44
N ALA L 143 -25.09 -1.91 -11.24
CA ALA L 143 -25.81 -2.70 -12.25
C ALA L 143 -27.01 -1.94 -12.83
N GLN L 144 -28.06 -1.81 -12.03
CA GLN L 144 -29.27 -1.13 -12.44
C GLN L 144 -29.10 0.22 -13.14
N THR L 145 -27.88 0.75 -13.16
CA THR L 145 -27.68 2.03 -13.83
C THR L 145 -26.58 2.06 -14.90
N THR L 146 -26.17 0.90 -15.40
CA THR L 146 -25.14 0.88 -16.43
C THR L 146 -25.54 -0.09 -17.53
N LEU L 147 -25.16 0.22 -18.76
CA LEU L 147 -25.49 -0.60 -19.94
C LEU L 147 -24.93 -2.02 -19.94
N ASN L 148 -25.81 -2.99 -19.70
CA ASN L 148 -25.42 -4.39 -19.66
C ASN L 148 -26.45 -5.25 -20.41
#